data_6TO0
#
_entry.id   6TO0
#
_cell.length_a   87.900
_cell.length_b   87.900
_cell.length_c   274.180
_cell.angle_alpha   90.000
_cell.angle_beta   90.000
_cell.angle_gamma   120.000
#
_symmetry.space_group_name_H-M   'P 31 2 1'
#
loop_
_entity.id
_entity.type
_entity.pdbx_description
1 polymer 'Reducing-end xylose-releasing exo-oligoxylanase Rex8A'
2 branched alpha-L-arabinofuranose-(1-2)-beta-D-xylopyranose-(1-4)-beta-D-xylopyranose-(1-4)-beta-D-xylopyranose
3 non-polymer GLYCEROL
4 water water
#
_entity_poly.entity_id   1
_entity_poly.type   'polypeptide(L)'
_entity_poly.pdbx_seq_one_letter_code
;MNITGKGAYDTGTYANLFQRSGYREDEIKARLEQTWNDLFYGDEHTRIYYPVGDDKGYMLDTGNDDVRSAGMSYGMMMAV
QMDKKHEFDRLWNYAYTYMQHTEGRYKDYFAWHCKPDGTRLSPGPAPDGEEFFAMALFFASNRWGDGPAPYDYQAQARKI
LHACLHQGEQGEGDPMWEPSNRLIKFIPELPFSDPSYHLPHFYELFAQYANEQDRTFWKEAAEASRAYLRTACHPVTGLS
PEYANYDGTPAPVQLHGDFRHFYSDAYRVAANVALDWEWFRKDPWQVQQSNRIQAFFSDIDVSDYRRYTIEGEPFNEPAL
HPVGLLATNAMASLAADGPDADSFVKRFWNTPLRQGKRRYYDNCLYFFTMLALSGNYRVYQQAAA
;
_entity_poly.pdbx_strand_id   A,B
#
loop_
_chem_comp.id
_chem_comp.type
_chem_comp.name
_chem_comp.formula
AHR L-saccharide, alpha linking alpha-L-arabinofuranose 'C5 H10 O5'
GOL non-polymer GLYCEROL 'C3 H8 O3'
XYP D-saccharide, beta linking beta-D-xylopyranose 'C5 H10 O5'
#
# COMPACT_ATOMS: atom_id res chain seq x y z
N LYS A 6 34.77 17.98 13.04
CA LYS A 6 34.20 17.41 14.30
C LYS A 6 32.67 17.48 14.24
N GLY A 7 31.99 16.61 14.98
CA GLY A 7 30.53 16.49 14.93
C GLY A 7 29.88 17.46 15.89
N ALA A 8 28.55 17.54 15.86
CA ALA A 8 27.73 18.34 16.79
C ALA A 8 28.04 17.98 18.25
N TYR A 9 28.42 16.72 18.54
CA TYR A 9 28.83 16.29 19.91
C TYR A 9 29.99 17.15 20.39
N ASP A 10 31.00 17.36 19.53
CA ASP A 10 32.23 18.10 19.87
C ASP A 10 31.98 19.62 19.82
N THR A 11 31.23 20.12 18.84
CA THR A 11 31.09 21.57 18.55
C THR A 11 29.88 22.20 19.26
N GLY A 12 28.83 21.43 19.53
CA GLY A 12 27.55 21.94 20.06
C GLY A 12 26.71 22.64 18.99
N THR A 13 27.13 22.63 17.73
CA THR A 13 26.39 23.28 16.62
C THR A 13 25.72 22.19 15.78
N TYR A 14 24.38 22.27 15.66
CA TYR A 14 23.54 21.31 14.91
C TYR A 14 23.11 21.97 13.59
N ALA A 15 23.27 21.26 12.48
CA ALA A 15 22.83 21.73 11.15
C ALA A 15 21.30 21.88 11.15
N ASN A 16 20.82 23.05 10.73
CA ASN A 16 19.38 23.36 10.51
C ASN A 16 19.15 23.32 9.00
N LEU A 17 18.83 22.13 8.46
CA LEU A 17 18.70 21.89 7.01
C LEU A 17 17.51 22.69 6.47
N PHE A 18 16.45 22.87 7.26
CA PHE A 18 15.26 23.67 6.87
C PHE A 18 15.68 25.12 6.66
N GLN A 19 16.46 25.67 7.58
CA GLN A 19 16.98 27.05 7.49
C GLN A 19 17.91 27.18 6.27
N ARG A 20 18.77 26.19 6.05
CA ARG A 20 19.74 26.16 4.92
C ARG A 20 18.94 26.14 3.60
N SER A 21 17.72 25.61 3.63
CA SER A 21 16.82 25.51 2.46
C SER A 21 16.01 26.80 2.25
N GLY A 22 16.04 27.75 3.19
CA GLY A 22 15.39 29.07 3.05
C GLY A 22 14.14 29.22 3.90
N TYR A 23 13.76 28.22 4.70
CA TYR A 23 12.64 28.35 5.66
C TYR A 23 13.07 29.25 6.82
N ARG A 24 12.10 29.99 7.37
CA ARG A 24 12.32 31.00 8.45
C ARG A 24 12.36 30.28 9.79
N GLU A 25 13.22 30.76 10.69
CA GLU A 25 13.41 30.23 12.07
C GLU A 25 12.06 30.14 12.78
N ASP A 26 11.22 31.17 12.69
CA ASP A 26 9.88 31.21 13.37
C ASP A 26 8.98 30.11 12.78
N GLU A 27 8.93 30.01 11.45
CA GLU A 27 8.19 29.02 10.64
C GLU A 27 8.57 27.60 11.09
N ILE A 28 9.87 27.35 11.21
CA ILE A 28 10.44 26.01 11.57
C ILE A 28 10.02 25.64 13.00
N LYS A 29 10.21 26.55 13.96
CA LYS A 29 9.83 26.29 15.39
C LYS A 29 8.33 25.97 15.47
N ALA A 30 7.49 26.73 14.78
CA ALA A 30 6.02 26.54 14.81
C ALA A 30 5.68 25.17 14.18
N ARG A 31 6.36 24.80 13.11
CA ARG A 31 6.09 23.50 12.40
C ARG A 31 6.43 22.33 13.33
N LEU A 32 7.56 22.39 14.02
CA LEU A 32 7.97 21.32 14.96
C LEU A 32 6.95 21.24 16.11
N GLU A 33 6.58 22.39 16.69
CA GLU A 33 5.56 22.44 17.79
C GLU A 33 4.25 21.83 17.27
N GLN A 34 3.81 22.20 16.07
CA GLN A 34 2.54 21.71 15.49
C GLN A 34 2.64 20.20 15.26
N THR A 35 3.77 19.68 14.78
CA THR A 35 3.97 18.21 14.62
C THR A 35 3.79 17.52 15.99
N TRP A 36 4.43 18.04 17.04
CA TRP A 36 4.27 17.51 18.41
C TRP A 36 2.79 17.54 18.80
N ASN A 37 2.10 18.68 18.62
CA ASN A 37 0.69 18.87 19.05
C ASN A 37 -0.21 17.84 18.34
N ASP A 38 -0.01 17.66 17.04
CA ASP A 38 -0.84 16.77 16.18
C ASP A 38 -0.54 15.31 16.54
N LEU A 39 0.75 14.94 16.70
CA LEU A 39 1.15 13.54 16.98
C LEU A 39 0.73 13.11 18.38
N PHE A 40 0.88 13.97 19.38
CA PHE A 40 0.63 13.60 20.79
C PHE A 40 -0.83 13.91 21.18
N TYR A 41 -1.44 14.97 20.62
CA TYR A 41 -2.73 15.53 21.10
C TYR A 41 -3.67 15.88 19.93
N GLY A 42 -3.43 15.35 18.71
CA GLY A 42 -4.25 15.67 17.51
C GLY A 42 -5.54 14.90 17.50
N ASP A 43 -6.23 14.86 16.36
CA ASP A 43 -7.55 14.19 16.24
C ASP A 43 -7.34 12.67 16.18
N GLU A 44 -8.43 11.91 16.13
CA GLU A 44 -8.44 10.44 16.33
C GLU A 44 -7.87 9.73 15.09
N HIS A 45 -7.66 10.45 13.99
CA HIS A 45 -7.10 9.92 12.71
C HIS A 45 -5.60 10.24 12.58
N THR A 46 -5.01 11.00 13.51
CA THR A 46 -3.64 11.58 13.38
C THR A 46 -2.74 11.17 14.56
N ARG A 47 -3.23 11.26 15.80
CA ARG A 47 -2.43 11.08 17.04
C ARG A 47 -2.00 9.62 17.18
N ILE A 48 -0.90 9.41 17.91
CA ILE A 48 -0.39 8.04 18.19
C ILE A 48 -0.10 7.90 19.68
N TYR A 49 -0.19 8.98 20.46
CA TYR A 49 0.00 8.98 21.94
C TYR A 49 -1.35 9.07 22.67
N TYR A 50 -1.55 8.25 23.70
CA TYR A 50 -2.79 8.19 24.51
C TYR A 50 -2.46 8.15 26.00
N PRO A 51 -2.80 9.21 26.79
CA PRO A 51 -2.58 9.19 28.24
C PRO A 51 -3.54 8.20 28.91
N VAL A 52 -3.10 7.57 30.01
CA VAL A 52 -3.84 6.53 30.78
C VAL A 52 -3.79 6.95 32.25
N GLY A 53 -4.95 7.29 32.83
CA GLY A 53 -5.08 7.77 34.22
C GLY A 53 -4.24 9.00 34.48
N ASP A 54 -3.60 9.03 35.64
CA ASP A 54 -2.86 10.22 36.16
C ASP A 54 -1.37 10.12 35.82
N ASP A 55 -0.81 8.92 35.61
CA ASP A 55 0.67 8.78 35.56
C ASP A 55 1.16 7.79 34.50
N LYS A 56 0.34 7.42 33.51
CA LYS A 56 0.79 6.51 32.42
C LYS A 56 0.33 7.06 31.05
N GLY A 57 0.87 6.46 29.99
CA GLY A 57 0.57 6.83 28.60
C GLY A 57 1.26 5.86 27.67
N TYR A 58 0.74 5.66 26.45
CA TYR A 58 1.33 4.68 25.51
C TYR A 58 1.32 5.28 24.10
N MET A 59 2.29 4.84 23.30
CA MET A 59 2.35 5.03 21.84
C MET A 59 1.64 3.83 21.21
N LEU A 60 0.59 4.07 20.43
CA LEU A 60 -0.23 2.99 19.82
C LEU A 60 0.28 2.68 18.40
N ASP A 61 0.61 1.42 18.14
CA ASP A 61 0.78 0.93 16.76
C ASP A 61 -0.63 0.74 16.22
N THR A 62 -1.11 1.79 15.55
CA THR A 62 -2.48 1.94 14.99
C THR A 62 -2.78 0.77 14.06
N GLY A 63 -1.77 0.31 13.32
CA GLY A 63 -1.94 -0.72 12.27
C GLY A 63 -2.11 -2.10 12.88
N ASN A 64 -1.55 -2.35 14.06
CA ASN A 64 -1.51 -3.71 14.66
C ASN A 64 -2.32 -3.74 15.96
N ASP A 65 -2.91 -2.60 16.35
CA ASP A 65 -3.76 -2.45 17.57
C ASP A 65 -3.00 -2.91 18.81
N ASP A 66 -1.70 -2.60 18.90
CA ASP A 66 -0.90 -3.06 20.06
C ASP A 66 0.05 -1.93 20.44
N VAL A 67 0.70 -2.12 21.58
CA VAL A 67 1.72 -1.16 22.10
C VAL A 67 3.06 -1.87 22.03
N ARG A 68 4.05 -1.27 21.38
CA ARG A 68 5.34 -1.94 21.06
C ARG A 68 6.47 -1.25 21.84
N SER A 69 7.45 -2.01 22.30
CA SER A 69 8.63 -1.46 23.03
C SER A 69 9.35 -0.43 22.15
N ALA A 70 9.45 -0.68 20.84
CA ALA A 70 10.06 0.29 19.89
C ALA A 70 9.28 1.61 19.96
N GLY A 71 7.95 1.56 19.86
CA GLY A 71 7.11 2.77 19.87
C GLY A 71 7.20 3.53 21.19
N MET A 72 7.14 2.81 22.31
CA MET A 72 7.23 3.42 23.65
C MET A 72 8.57 4.17 23.76
N SER A 73 9.65 3.51 23.35
CA SER A 73 11.02 4.07 23.45
C SER A 73 11.17 5.26 22.49
N TYR A 74 10.56 5.20 21.30
CA TYR A 74 10.52 6.33 20.34
C TYR A 74 9.84 7.53 21.00
N GLY A 75 8.67 7.29 21.60
CA GLY A 75 7.90 8.35 22.28
C GLY A 75 8.73 9.03 23.37
N MET A 76 9.48 8.25 24.15
CA MET A 76 10.37 8.79 25.21
C MET A 76 11.47 9.65 24.58
N MET A 77 12.06 9.21 23.47
CA MET A 77 13.11 10.02 22.82
C MET A 77 12.49 11.32 22.30
N MET A 78 11.31 11.26 21.68
CA MET A 78 10.63 12.47 21.17
C MET A 78 10.39 13.45 22.33
N ALA A 79 9.90 12.92 23.45
CA ALA A 79 9.48 13.72 24.62
C ALA A 79 10.73 14.40 25.22
N VAL A 80 11.85 13.66 25.39
CA VAL A 80 13.06 14.24 26.02
C VAL A 80 13.67 15.26 25.04
N GLN A 81 13.60 15.02 23.73
CA GLN A 81 14.16 15.96 22.72
C GLN A 81 13.33 17.27 22.69
N MET A 82 12.03 17.18 22.98
CA MET A 82 11.07 18.32 22.93
C MET A 82 10.93 18.99 24.30
N ASP A 83 11.66 18.51 25.32
CA ASP A 83 11.64 19.00 26.73
C ASP A 83 10.24 18.78 27.32
N LYS A 84 9.68 17.57 27.18
CA LYS A 84 8.28 17.25 27.57
C LYS A 84 8.30 16.19 28.66
N LYS A 85 8.70 16.58 29.88
CA LYS A 85 8.93 15.62 30.99
C LYS A 85 7.64 14.91 31.38
N HIS A 86 6.50 15.61 31.36
CA HIS A 86 5.19 15.03 31.78
C HIS A 86 4.91 13.79 30.93
N GLU A 87 5.01 13.92 29.62
CA GLU A 87 4.76 12.83 28.66
C GLU A 87 5.87 11.78 28.81
N PHE A 88 7.12 12.21 28.93
CA PHE A 88 8.26 11.28 29.14
C PHE A 88 7.95 10.34 30.31
N ASP A 89 7.60 10.92 31.47
CA ASP A 89 7.36 10.18 32.73
C ASP A 89 6.18 9.22 32.57
N ARG A 90 5.09 9.64 31.92
CA ARG A 90 3.91 8.76 31.67
C ARG A 90 4.32 7.55 30.81
N LEU A 91 5.03 7.79 29.71
CA LEU A 91 5.47 6.69 28.81
C LEU A 91 6.38 5.75 29.60
N TRP A 92 7.36 6.29 30.31
CA TRP A 92 8.35 5.44 31.01
C TRP A 92 7.63 4.60 32.08
N ASN A 93 6.72 5.22 32.84
CA ASN A 93 5.96 4.50 33.90
C ASN A 93 5.16 3.36 33.27
N TYR A 94 4.61 3.56 32.06
CA TYR A 94 3.84 2.50 31.37
C TYR A 94 4.77 1.33 31.03
N ALA A 95 5.93 1.63 30.43
CA ALA A 95 6.92 0.61 30.02
C ALA A 95 7.41 -0.14 31.27
N TYR A 96 7.80 0.62 32.29
CA TYR A 96 8.29 0.08 33.57
C TYR A 96 7.23 -0.82 34.22
N THR A 97 5.99 -0.35 34.34
CA THR A 97 4.87 -1.06 35.03
C THR A 97 4.46 -2.33 34.27
N TYR A 98 4.21 -2.25 32.95
CA TYR A 98 3.55 -3.34 32.19
C TYR A 98 4.54 -4.21 31.43
N MET A 99 5.65 -3.67 30.95
CA MET A 99 6.45 -4.36 29.89
C MET A 99 7.76 -4.93 30.47
N GLN A 100 8.39 -4.30 31.45
CA GLN A 100 9.74 -4.74 31.91
C GLN A 100 9.61 -6.04 32.74
N HIS A 101 10.38 -7.06 32.39
CA HIS A 101 10.43 -8.37 33.08
C HIS A 101 11.13 -8.21 34.43
N THR A 102 10.56 -8.74 35.49
CA THR A 102 11.12 -8.68 36.87
C THR A 102 11.84 -9.99 37.22
N GLU A 103 11.70 -11.03 36.39
CA GLU A 103 12.34 -12.34 36.64
C GLU A 103 12.52 -13.11 35.32
N GLY A 104 13.25 -14.22 35.38
CA GLY A 104 13.34 -15.20 34.29
C GLY A 104 14.44 -14.86 33.31
N ARG A 105 14.43 -15.53 32.15
CA ARG A 105 15.49 -15.45 31.12
C ARG A 105 15.56 -14.03 30.52
N TYR A 106 14.51 -13.22 30.65
CA TYR A 106 14.41 -11.86 30.06
C TYR A 106 14.44 -10.76 31.14
N LYS A 107 14.87 -11.09 32.37
CA LYS A 107 14.88 -10.11 33.49
C LYS A 107 15.52 -8.78 33.06
N ASP A 108 14.82 -7.65 33.28
CA ASP A 108 15.25 -6.24 33.00
C ASP A 108 15.04 -5.89 31.52
N TYR A 109 14.87 -6.86 30.63
CA TYR A 109 14.36 -6.62 29.26
C TYR A 109 12.86 -6.28 29.28
N PHE A 110 12.32 -5.86 28.13
CA PHE A 110 10.90 -5.44 27.96
C PHE A 110 10.20 -6.41 27.00
N ALA A 111 9.11 -7.03 27.46
CA ALA A 111 8.13 -7.72 26.57
C ALA A 111 7.83 -6.78 25.39
N TRP A 112 8.05 -7.24 24.16
CA TRP A 112 8.14 -6.35 22.97
C TRP A 112 6.77 -5.73 22.63
N HIS A 113 5.65 -6.34 23.04
CA HIS A 113 4.33 -5.72 22.80
C HIS A 113 3.29 -6.18 23.81
N CYS A 114 2.32 -5.31 24.05
CA CYS A 114 1.18 -5.57 24.94
C CYS A 114 -0.08 -4.92 24.36
N LYS A 115 -1.23 -5.37 24.84
CA LYS A 115 -2.51 -4.68 24.58
C LYS A 115 -2.44 -3.30 25.21
N PRO A 116 -3.19 -2.30 24.70
CA PRO A 116 -3.23 -0.98 25.32
C PRO A 116 -3.45 -0.98 26.85
N ASP A 117 -4.19 -1.96 27.37
CA ASP A 117 -4.52 -2.10 28.82
C ASP A 117 -3.32 -2.70 29.59
N GLY A 118 -2.23 -3.07 28.91
CA GLY A 118 -0.97 -3.49 29.57
C GLY A 118 -0.79 -5.00 29.61
N THR A 119 -1.76 -5.77 29.12
CA THR A 119 -1.68 -7.26 29.02
C THR A 119 -0.57 -7.61 28.01
N ARG A 120 0.44 -8.39 28.42
CA ARG A 120 1.56 -8.77 27.53
C ARG A 120 1.03 -9.73 26.46
N LEU A 121 1.46 -9.55 25.21
CA LEU A 121 1.01 -10.38 24.06
C LEU A 121 2.09 -11.40 23.74
N SER A 122 3.36 -11.05 23.97
CA SER A 122 4.55 -11.94 23.80
C SER A 122 5.56 -11.57 24.88
N PRO A 123 6.30 -12.54 25.46
CA PRO A 123 7.32 -12.22 26.45
C PRO A 123 8.67 -11.75 25.87
N GLY A 124 8.96 -12.12 24.62
CA GLY A 124 10.27 -11.86 23.98
C GLY A 124 10.55 -10.37 23.84
N PRO A 125 11.81 -9.92 24.00
CA PRO A 125 12.13 -8.51 23.81
C PRO A 125 12.62 -8.17 22.40
N ALA A 126 12.60 -6.89 22.08
CA ALA A 126 13.07 -6.29 20.82
C ALA A 126 14.25 -5.38 21.14
N PRO A 127 15.50 -5.75 20.79
CA PRO A 127 16.69 -4.97 21.15
C PRO A 127 16.63 -3.50 20.75
N ASP A 128 15.90 -3.16 19.68
CA ASP A 128 15.79 -1.78 19.18
C ASP A 128 15.02 -0.95 20.22
N GLY A 129 14.10 -1.58 20.96
CA GLY A 129 13.39 -0.91 22.07
C GLY A 129 14.35 -0.62 23.21
N GLU A 130 15.06 -1.64 23.69
CA GLU A 130 15.98 -1.52 24.85
C GLU A 130 16.95 -0.37 24.62
N GLU A 131 17.57 -0.28 23.43
CA GLU A 131 18.66 0.71 23.20
C GLU A 131 18.06 2.12 23.19
N PHE A 132 16.86 2.30 22.62
CA PHE A 132 16.18 3.61 22.66
C PHE A 132 15.73 3.96 24.08
N PHE A 133 15.24 3.00 24.86
CA PHE A 133 14.88 3.26 26.28
C PHE A 133 16.12 3.81 26.99
N ALA A 134 17.25 3.13 26.87
CA ALA A 134 18.50 3.50 27.59
C ALA A 134 18.95 4.90 27.14
N MET A 135 18.97 5.17 25.84
CA MET A 135 19.48 6.48 25.34
C MET A 135 18.55 7.62 25.82
N ALA A 136 17.23 7.42 25.70
CA ALA A 136 16.23 8.43 26.13
C ALA A 136 16.35 8.69 27.65
N LEU A 137 16.52 7.63 28.44
CA LEU A 137 16.69 7.72 29.92
C LEU A 137 17.99 8.46 30.27
N PHE A 138 19.09 8.19 29.57
CA PHE A 138 20.35 8.94 29.82
C PHE A 138 20.12 10.43 29.53
N PHE A 139 19.43 10.76 28.43
CA PHE A 139 19.16 12.16 28.05
C PHE A 139 18.23 12.80 29.10
N ALA A 140 17.24 12.06 29.61
CA ALA A 140 16.32 12.49 30.69
C ALA A 140 17.14 12.88 31.94
N SER A 141 18.04 11.99 32.37
CA SER A 141 18.99 12.23 33.48
C SER A 141 19.81 13.50 33.23
N ASN A 142 20.36 13.66 32.04
CA ASN A 142 21.32 14.76 31.70
C ASN A 142 20.59 16.09 31.55
N ARG A 143 19.31 16.08 31.17
CA ARG A 143 18.48 17.29 30.96
C ARG A 143 17.80 17.73 32.27
N TRP A 144 17.23 16.78 33.02
CA TRP A 144 16.29 17.08 34.13
C TRP A 144 16.86 16.64 35.50
N GLY A 145 17.84 15.73 35.53
CA GLY A 145 18.29 15.08 36.77
C GLY A 145 17.40 13.89 37.13
N ASP A 146 17.99 12.90 37.79
CA ASP A 146 17.25 11.72 38.31
C ASP A 146 16.22 12.19 39.34
N GLY A 147 15.04 11.57 39.35
CA GLY A 147 14.05 11.68 40.42
C GLY A 147 14.05 10.41 41.24
N PRO A 148 13.11 10.26 42.21
CA PRO A 148 12.93 9.01 42.93
C PRO A 148 12.57 7.85 41.99
N ALA A 149 13.03 6.63 42.31
CA ALA A 149 12.71 5.41 41.52
C ALA A 149 11.21 5.32 41.37
N PRO A 150 10.64 4.94 40.20
CA PRO A 150 11.40 4.51 39.03
C PRO A 150 11.87 5.59 38.05
N TYR A 151 11.83 6.87 38.45
CA TYR A 151 12.28 8.02 37.65
C TYR A 151 13.75 8.36 37.97
N ASP A 152 14.50 7.38 38.46
CA ASP A 152 15.98 7.45 38.64
C ASP A 152 16.61 7.07 37.30
N TYR A 153 16.48 7.98 36.32
CA TYR A 153 16.62 7.71 34.86
C TYR A 153 17.97 7.06 34.53
N GLN A 154 19.10 7.61 34.98
CA GLN A 154 20.42 7.04 34.55
C GLN A 154 20.61 5.67 35.19
N ALA A 155 20.09 5.44 36.40
CA ALA A 155 20.17 4.12 37.08
C ALA A 155 19.34 3.10 36.30
N GLN A 156 18.14 3.48 35.85
CA GLN A 156 17.27 2.60 35.03
C GLN A 156 17.98 2.27 33.71
N ALA A 157 18.59 3.26 33.06
CA ALA A 157 19.32 3.07 31.79
C ALA A 157 20.46 2.07 32.00
N ARG A 158 21.26 2.21 33.07
CA ARG A 158 22.44 1.33 33.28
C ARG A 158 21.97 -0.09 33.55
N LYS A 159 20.83 -0.24 34.21
CA LYS A 159 20.22 -1.57 34.50
C LYS A 159 19.85 -2.26 33.18
N ILE A 160 19.19 -1.53 32.28
CA ILE A 160 18.82 -2.07 30.94
C ILE A 160 20.10 -2.53 30.23
N LEU A 161 21.12 -1.67 30.12
CA LEU A 161 22.34 -1.98 29.32
C LEU A 161 23.18 -3.08 29.99
N HIS A 162 23.12 -3.21 31.32
CA HIS A 162 23.75 -4.36 32.04
C HIS A 162 23.20 -5.67 31.46
N ALA A 163 21.87 -5.83 31.45
CA ALA A 163 21.19 -7.04 30.94
C ALA A 163 21.54 -7.26 29.47
N CYS A 164 21.56 -6.18 28.69
CA CYS A 164 21.85 -6.22 27.24
C CYS A 164 23.18 -6.93 26.98
N LEU A 165 24.20 -6.71 27.82
CA LEU A 165 25.54 -7.31 27.62
C LEU A 165 25.72 -8.58 28.45
N HIS A 166 25.06 -8.72 29.61
CA HIS A 166 25.43 -9.77 30.61
C HIS A 166 24.32 -10.79 30.87
N GLN A 167 23.14 -10.70 30.23
CA GLN A 167 22.02 -11.65 30.49
C GLN A 167 22.54 -13.08 30.28
N GLY A 168 22.18 -13.99 31.19
CA GLY A 168 22.52 -15.43 31.06
C GLY A 168 23.93 -15.78 31.51
N GLU A 169 24.68 -14.82 32.04
CA GLU A 169 25.98 -15.10 32.73
C GLU A 169 25.66 -15.80 34.05
N GLN A 170 24.55 -15.41 34.67
CA GLN A 170 24.04 -15.86 35.99
C GLN A 170 22.69 -16.57 35.80
N GLY A 171 22.66 -17.66 35.02
CA GLY A 171 21.47 -18.51 34.84
C GLY A 171 20.98 -18.52 33.40
N GLU A 172 19.65 -18.42 33.21
CA GLU A 172 19.00 -18.52 31.89
C GLU A 172 18.99 -17.16 31.20
N GLY A 173 19.08 -17.16 29.88
CA GLY A 173 18.97 -15.95 29.07
C GLY A 173 20.17 -15.79 28.16
N ASP A 174 20.12 -14.77 27.31
CA ASP A 174 21.14 -14.50 26.28
C ASP A 174 21.26 -12.98 26.19
N PRO A 175 22.48 -12.46 25.95
CA PRO A 175 22.64 -11.02 25.73
C PRO A 175 22.04 -10.59 24.39
N MET A 176 21.84 -9.28 24.21
CA MET A 176 21.30 -8.68 22.96
C MET A 176 22.43 -8.29 22.02
N TRP A 177 23.67 -8.28 22.52
CA TRP A 177 24.90 -8.11 21.70
C TRP A 177 25.68 -9.42 21.67
N GLU A 178 26.16 -9.82 20.51
CA GLU A 178 27.07 -11.00 20.35
C GLU A 178 28.46 -10.57 20.82
N PRO A 179 28.97 -11.17 21.92
CA PRO A 179 30.27 -10.79 22.48
C PRO A 179 31.46 -10.89 21.50
N SER A 180 31.41 -11.81 20.54
CA SER A 180 32.56 -12.12 19.66
C SER A 180 32.73 -11.04 18.57
N ASN A 181 31.65 -10.35 18.19
CA ASN A 181 31.71 -9.38 17.05
C ASN A 181 31.17 -8.00 17.49
N ARG A 182 30.69 -7.86 18.73
CA ARG A 182 30.18 -6.58 19.31
C ARG A 182 28.97 -6.07 18.49
N LEU A 183 28.23 -6.95 17.83
CA LEU A 183 27.03 -6.57 17.01
C LEU A 183 25.74 -6.84 17.77
N ILE A 184 24.82 -5.88 17.73
CA ILE A 184 23.43 -6.07 18.23
C ILE A 184 22.75 -7.16 17.39
N LYS A 185 21.89 -7.93 18.04
CA LYS A 185 21.17 -9.06 17.41
C LYS A 185 19.73 -8.64 17.10
N PHE A 186 19.06 -9.39 16.23
CA PHE A 186 17.62 -9.27 15.98
C PHE A 186 16.83 -9.63 17.26
N ILE A 187 17.12 -10.79 17.84
CA ILE A 187 16.55 -11.19 19.16
C ILE A 187 17.64 -11.97 19.90
N PRO A 188 17.58 -12.06 21.25
CA PRO A 188 18.69 -12.65 22.00
C PRO A 188 19.09 -14.06 21.53
N GLU A 189 18.13 -14.86 21.04
CA GLU A 189 18.37 -16.33 20.82
C GLU A 189 18.97 -16.62 19.44
N LEU A 190 18.93 -15.68 18.48
CA LEU A 190 19.20 -16.00 17.05
C LEU A 190 20.49 -15.32 16.60
N PRO A 191 21.33 -16.00 15.78
CA PRO A 191 22.64 -15.49 15.39
C PRO A 191 22.62 -14.66 14.11
N PHE A 192 21.78 -13.63 14.06
CA PHE A 192 21.77 -12.67 12.93
C PHE A 192 21.21 -11.34 13.45
N SER A 193 21.27 -10.33 12.62
CA SER A 193 20.97 -8.94 13.03
C SER A 193 19.88 -8.34 12.14
N ASP A 194 19.59 -7.07 12.42
CA ASP A 194 18.63 -6.22 11.68
C ASP A 194 19.36 -4.88 11.52
N PRO A 195 19.83 -4.52 10.31
CA PRO A 195 20.62 -3.30 10.11
C PRO A 195 20.06 -2.05 10.77
N SER A 196 18.74 -1.89 10.75
CA SER A 196 18.02 -0.70 11.31
C SER A 196 18.27 -0.59 12.81
N TYR A 197 18.69 -1.67 13.48
CA TYR A 197 18.91 -1.67 14.95
C TYR A 197 20.29 -1.07 15.28
N HIS A 198 21.19 -0.93 14.30
CA HIS A 198 22.58 -0.47 14.55
C HIS A 198 22.61 1.04 14.74
N LEU A 199 22.89 1.48 15.97
CA LEU A 199 22.91 2.91 16.38
C LEU A 199 24.29 3.20 16.93
N PRO A 200 25.36 3.27 16.09
CA PRO A 200 26.71 3.47 16.62
C PRO A 200 26.85 4.77 17.42
N HIS A 201 26.11 5.79 17.00
CA HIS A 201 26.03 7.10 17.69
C HIS A 201 25.44 6.96 19.10
N PHE A 202 24.49 6.07 19.35
CA PHE A 202 24.03 5.79 20.73
C PHE A 202 25.13 5.04 21.51
N TYR A 203 25.85 4.10 20.89
CA TYR A 203 26.87 3.29 21.60
C TYR A 203 28.04 4.19 22.02
N GLU A 204 28.38 5.20 21.22
CA GLU A 204 29.41 6.20 21.60
C GLU A 204 29.03 6.81 22.95
N LEU A 205 27.74 7.09 23.13
CA LEU A 205 27.22 7.76 24.35
C LEU A 205 27.09 6.74 25.48
N PHE A 206 26.68 5.50 25.21
CA PHE A 206 26.72 4.42 26.22
C PHE A 206 28.15 4.28 26.76
N ALA A 207 29.17 4.50 25.94
CA ALA A 207 30.60 4.41 26.35
C ALA A 207 30.94 5.52 27.33
N GLN A 208 30.13 6.59 27.40
CA GLN A 208 30.29 7.69 28.37
C GLN A 208 29.43 7.44 29.62
N TYR A 209 28.25 6.81 29.49
CA TYR A 209 27.21 6.84 30.55
C TYR A 209 26.99 5.46 31.19
N ALA A 210 27.32 4.36 30.53
CA ALA A 210 26.99 2.99 31.02
C ALA A 210 27.85 2.66 32.24
N ASN A 211 27.54 1.52 32.88
CA ASN A 211 28.42 0.92 33.92
C ASN A 211 29.85 0.92 33.41
N GLU A 212 30.82 1.29 34.25
CA GLU A 212 32.23 1.51 33.84
C GLU A 212 32.82 0.26 33.20
N GLN A 213 32.54 -0.93 33.73
CA GLN A 213 33.14 -2.20 33.22
C GLN A 213 32.71 -2.45 31.77
N ASP A 214 31.63 -1.81 31.29
CA ASP A 214 31.08 -2.05 29.94
C ASP A 214 31.49 -0.95 28.94
N ARG A 215 32.18 0.13 29.37
CA ARG A 215 32.38 1.30 28.48
C ARG A 215 33.30 0.95 27.31
N THR A 216 34.33 0.11 27.50
CA THR A 216 35.21 -0.33 26.38
C THR A 216 34.38 -1.10 25.35
N PHE A 217 33.53 -2.02 25.79
CA PHE A 217 32.64 -2.81 24.91
C PHE A 217 31.79 -1.86 24.06
N TRP A 218 31.16 -0.86 24.68
CA TRP A 218 30.31 0.12 23.95
C TRP A 218 31.10 0.89 22.90
N LYS A 219 32.30 1.35 23.23
CA LYS A 219 33.20 2.01 22.26
C LYS A 219 33.47 1.07 21.07
N GLU A 220 33.73 -0.20 21.34
CA GLU A 220 34.02 -1.23 20.31
C GLU A 220 32.75 -1.48 19.47
N ALA A 221 31.58 -1.51 20.11
CA ALA A 221 30.29 -1.72 19.44
C ALA A 221 30.02 -0.57 18.47
N ALA A 222 30.38 0.66 18.83
CA ALA A 222 30.18 1.83 17.95
C ALA A 222 30.96 1.61 16.66
N GLU A 223 32.23 1.20 16.77
CA GLU A 223 33.08 0.97 15.56
C GLU A 223 32.61 -0.26 14.80
N ALA A 224 32.23 -1.34 15.48
CA ALA A 224 31.75 -2.59 14.83
C ALA A 224 30.46 -2.32 14.04
N SER A 225 29.55 -1.49 14.58
CA SER A 225 28.27 -1.16 13.91
C SER A 225 28.51 -0.27 12.69
N ARG A 226 29.45 0.68 12.77
CA ARG A 226 29.77 1.51 11.59
C ARG A 226 30.29 0.60 10.46
N ALA A 227 31.20 -0.32 10.77
CA ALA A 227 31.77 -1.31 9.81
C ALA A 227 30.67 -2.21 9.27
N TYR A 228 29.80 -2.70 10.15
CA TYR A 228 28.67 -3.59 9.80
C TYR A 228 27.77 -2.92 8.75
N LEU A 229 27.42 -1.65 8.96
CA LEU A 229 26.46 -0.95 8.05
C LEU A 229 27.11 -0.81 6.67
N ARG A 230 28.42 -0.66 6.60
CA ARG A 230 29.15 -0.60 5.31
C ARG A 230 28.99 -1.92 4.55
N THR A 231 28.85 -3.04 5.25
CA THR A 231 28.67 -4.39 4.64
C THR A 231 27.19 -4.66 4.34
N ALA A 232 26.24 -4.03 5.04
CA ALA A 232 24.79 -4.34 4.95
C ALA A 232 24.12 -3.51 3.85
N CYS A 233 24.52 -2.25 3.66
CA CYS A 233 23.93 -1.36 2.64
C CYS A 233 24.52 -1.70 1.27
N HIS A 234 23.65 -1.85 0.27
CA HIS A 234 24.06 -2.17 -1.13
C HIS A 234 24.98 -1.06 -1.60
N PRO A 235 26.17 -1.40 -2.17
CA PRO A 235 27.16 -0.39 -2.55
C PRO A 235 26.76 0.51 -3.73
N VAL A 236 25.73 0.14 -4.51
CA VAL A 236 25.24 0.99 -5.63
C VAL A 236 23.98 1.74 -5.19
N THR A 237 22.99 1.05 -4.60
CA THR A 237 21.63 1.61 -4.34
C THR A 237 21.55 2.30 -2.97
N GLY A 238 22.40 1.94 -2.01
CA GLY A 238 22.27 2.36 -0.60
C GLY A 238 21.14 1.65 0.13
N LEU A 239 20.49 0.65 -0.48
CA LEU A 239 19.38 -0.11 0.17
C LEU A 239 19.94 -1.25 1.03
N SER A 240 19.29 -1.49 2.18
CA SER A 240 19.69 -2.55 3.13
C SER A 240 18.52 -3.51 3.28
N PRO A 241 18.78 -4.78 3.65
CA PRO A 241 17.70 -5.71 3.96
C PRO A 241 17.17 -5.44 5.37
N GLU A 242 15.98 -5.94 5.65
CA GLU A 242 15.36 -5.83 7.00
C GLU A 242 16.14 -6.71 7.97
N TYR A 243 16.40 -7.97 7.63
CA TYR A 243 17.23 -8.89 8.45
C TYR A 243 18.50 -9.27 7.68
N ALA A 244 19.65 -9.21 8.35
CA ALA A 244 20.97 -9.47 7.74
C ALA A 244 21.82 -10.36 8.65
N ASN A 245 22.64 -11.19 8.02
CA ASN A 245 23.64 -12.03 8.72
C ASN A 245 24.70 -11.10 9.32
N TYR A 246 25.58 -11.64 10.16
CA TYR A 246 26.69 -10.89 10.77
C TYR A 246 27.65 -10.39 9.68
N ASP A 247 27.70 -11.07 8.53
CA ASP A 247 28.58 -10.67 7.39
C ASP A 247 27.91 -9.58 6.54
N GLY A 248 26.69 -9.15 6.89
CA GLY A 248 26.01 -8.04 6.19
C GLY A 248 25.06 -8.52 5.11
N THR A 249 25.17 -9.77 4.65
CA THR A 249 24.31 -10.31 3.57
C THR A 249 22.90 -10.54 4.12
N PRO A 250 21.85 -10.49 3.29
CA PRO A 250 20.49 -10.76 3.76
C PRO A 250 20.37 -12.11 4.46
N ALA A 251 19.70 -12.16 5.61
CA ALA A 251 19.47 -13.39 6.39
C ALA A 251 18.55 -14.31 5.60
N PRO A 252 18.52 -15.63 5.92
CA PRO A 252 17.56 -16.54 5.31
C PRO A 252 16.11 -16.10 5.57
N VAL A 253 15.21 -16.46 4.66
CA VAL A 253 13.73 -16.37 4.86
C VAL A 253 13.42 -17.03 6.20
N GLN A 254 12.59 -16.40 7.03
CA GLN A 254 12.20 -16.88 8.38
C GLN A 254 10.80 -17.49 8.27
N LEU A 255 10.37 -18.25 9.29
CA LEU A 255 8.99 -18.81 9.38
C LEU A 255 7.97 -17.69 9.28
N HIS A 256 8.22 -16.53 9.90
CA HIS A 256 7.23 -15.42 10.01
C HIS A 256 7.35 -14.43 8.83
N GLY A 257 8.24 -14.66 7.86
CA GLY A 257 8.25 -13.84 6.63
C GLY A 257 9.62 -13.72 5.97
N ASP A 258 9.65 -13.08 4.79
CA ASP A 258 10.84 -12.85 3.93
C ASP A 258 11.36 -11.43 4.20
N PHE A 259 12.44 -11.31 4.97
CA PHE A 259 12.98 -9.99 5.42
C PHE A 259 14.25 -9.64 4.63
N ARG A 260 14.40 -10.19 3.42
CA ARG A 260 15.64 -10.06 2.63
C ARG A 260 15.67 -8.74 1.86
N HIS A 261 14.54 -8.02 1.82
CA HIS A 261 14.36 -6.88 0.88
C HIS A 261 14.32 -5.56 1.65
N PHE A 262 14.27 -4.47 0.88
CA PHE A 262 14.17 -3.10 1.40
C PHE A 262 12.69 -2.82 1.66
N TYR A 263 12.34 -2.79 2.95
CA TYR A 263 10.95 -2.57 3.40
C TYR A 263 11.03 -1.93 4.79
N SER A 264 9.89 -1.82 5.48
CA SER A 264 9.67 -0.98 6.69
C SER A 264 10.91 -0.86 7.59
N ASP A 265 11.44 -1.95 8.16
CA ASP A 265 12.54 -1.85 9.16
C ASP A 265 13.71 -1.05 8.57
N ALA A 266 14.09 -1.38 7.34
CA ALA A 266 15.34 -0.93 6.69
C ALA A 266 15.30 0.57 6.41
N TYR A 267 14.13 1.19 6.40
CA TYR A 267 14.02 2.65 6.15
C TYR A 267 14.90 3.42 7.15
N ARG A 268 14.95 2.98 8.41
CA ARG A 268 15.66 3.75 9.49
C ARG A 268 17.18 3.78 9.25
N VAL A 269 17.73 2.84 8.49
CA VAL A 269 19.22 2.75 8.33
C VAL A 269 19.74 4.10 7.81
N ALA A 270 19.11 4.67 6.77
CA ALA A 270 19.60 5.91 6.13
C ALA A 270 19.56 7.06 7.16
N ALA A 271 18.53 7.06 8.01
CA ALA A 271 18.34 8.07 9.09
C ALA A 271 19.40 7.87 10.17
N ASN A 272 19.64 6.63 10.60
CA ASN A 272 20.64 6.29 11.64
C ASN A 272 22.03 6.73 11.17
N VAL A 273 22.36 6.39 9.93
CA VAL A 273 23.69 6.69 9.33
C VAL A 273 23.90 8.20 9.35
N ALA A 274 22.88 8.96 8.94
CA ALA A 274 22.96 10.43 8.79
C ALA A 274 23.09 11.09 10.17
N LEU A 275 22.40 10.58 11.21
CA LEU A 275 22.46 11.18 12.55
C LEU A 275 23.83 10.90 13.20
N ASP A 276 24.40 9.71 12.99
CA ASP A 276 25.77 9.40 13.46
C ASP A 276 26.76 10.38 12.80
N TRP A 277 26.60 10.62 11.50
CA TRP A 277 27.47 11.59 10.77
C TRP A 277 27.34 12.98 11.39
N GLU A 278 26.11 13.45 11.61
CA GLU A 278 25.83 14.79 12.20
C GLU A 278 26.45 14.87 13.60
N TRP A 279 26.23 13.87 14.46
CA TRP A 279 26.69 13.91 15.88
C TRP A 279 28.21 13.74 15.97
N PHE A 280 28.79 12.81 15.21
CA PHE A 280 30.18 12.36 15.47
C PHE A 280 31.10 12.60 14.27
N ARG A 281 30.60 12.56 13.04
CA ARG A 281 31.39 12.94 11.84
C ARG A 281 32.62 12.03 11.74
N LYS A 282 32.48 10.73 11.97
CA LYS A 282 33.64 9.82 12.07
C LYS A 282 33.89 9.08 10.76
N ASP A 283 32.85 8.67 10.03
CA ASP A 283 32.97 7.72 8.91
C ASP A 283 32.50 8.39 7.62
N PRO A 284 33.41 8.87 6.75
CA PRO A 284 33.02 9.58 5.53
C PRO A 284 32.20 8.72 4.55
N TRP A 285 32.25 7.41 4.68
CA TRP A 285 31.37 6.49 3.90
C TRP A 285 29.91 6.88 4.10
N GLN A 286 29.54 7.37 5.29
CA GLN A 286 28.14 7.76 5.60
C GLN A 286 27.65 8.84 4.62
N VAL A 287 28.53 9.73 4.16
CA VAL A 287 28.16 10.75 3.15
C VAL A 287 27.79 10.04 1.83
N GLN A 288 28.60 9.06 1.40
CA GLN A 288 28.40 8.30 0.13
C GLN A 288 27.14 7.42 0.24
N GLN A 289 26.95 6.75 1.37
CA GLN A 289 25.72 5.95 1.62
C GLN A 289 24.49 6.86 1.47
N SER A 290 24.50 8.04 2.09
CA SER A 290 23.38 9.01 2.03
C SER A 290 23.18 9.48 0.58
N ASN A 291 24.26 9.81 -0.13
CA ASN A 291 24.16 10.20 -1.57
C ASN A 291 23.50 9.08 -2.39
N ARG A 292 23.90 7.82 -2.16
CA ARG A 292 23.46 6.67 -2.99
C ARG A 292 21.95 6.47 -2.81
N ILE A 293 21.44 6.51 -1.57
CA ILE A 293 20.00 6.19 -1.36
C ILE A 293 19.16 7.35 -1.91
N GLN A 294 19.62 8.60 -1.77
CA GLN A 294 18.91 9.77 -2.34
C GLN A 294 18.94 9.69 -3.88
N ALA A 295 20.07 9.27 -4.48
CA ALA A 295 20.17 9.05 -5.95
C ALA A 295 19.14 7.99 -6.37
N PHE A 296 19.02 6.89 -5.62
CA PHE A 296 18.09 5.79 -5.98
C PHE A 296 16.66 6.34 -6.06
N PHE A 297 16.24 7.15 -5.08
CA PHE A 297 14.86 7.66 -4.95
C PHE A 297 14.69 9.03 -5.60
N SER A 298 15.73 9.61 -6.22
CA SER A 298 15.67 11.00 -6.73
C SER A 298 14.47 11.22 -7.67
N ASP A 299 14.20 10.32 -8.61
CA ASP A 299 13.11 10.52 -9.60
C ASP A 299 11.95 9.57 -9.34
N ILE A 300 11.86 8.96 -8.15
CA ILE A 300 10.69 8.12 -7.77
C ILE A 300 9.73 8.96 -6.91
N ASP A 301 8.49 9.17 -7.35
CA ASP A 301 7.47 9.92 -6.55
C ASP A 301 7.10 9.06 -5.34
N VAL A 302 6.81 9.69 -4.19
CA VAL A 302 6.36 9.00 -2.95
C VAL A 302 5.18 8.09 -3.27
N SER A 303 4.31 8.46 -4.23
CA SER A 303 3.09 7.69 -4.57
C SER A 303 3.44 6.35 -5.24
N ASP A 304 4.67 6.19 -5.72
CA ASP A 304 5.11 4.98 -6.46
C ASP A 304 6.08 4.12 -5.63
N TYR A 305 6.30 4.46 -4.36
CA TYR A 305 7.27 3.71 -3.52
C TYR A 305 6.79 2.26 -3.39
N ARG A 306 7.70 1.31 -3.63
CA ARG A 306 7.43 -0.14 -3.62
C ARG A 306 8.25 -0.84 -2.53
N ARG A 307 8.07 -2.15 -2.37
CA ARG A 307 9.12 -3.04 -1.86
C ARG A 307 10.18 -3.14 -2.98
N TYR A 308 11.46 -3.10 -2.62
CA TYR A 308 12.59 -3.26 -3.58
C TYR A 308 13.50 -4.37 -3.07
N THR A 309 14.12 -5.11 -3.99
CA THR A 309 15.31 -5.93 -3.67
C THR A 309 16.41 -4.93 -3.35
N ILE A 310 17.41 -5.33 -2.57
CA ILE A 310 18.52 -4.41 -2.20
C ILE A 310 19.31 -4.03 -3.46
N GLU A 311 19.19 -4.82 -4.53
CA GLU A 311 19.82 -4.50 -5.85
C GLU A 311 18.99 -3.42 -6.56
N GLY A 312 17.79 -3.11 -6.06
CA GLY A 312 16.97 -1.99 -6.56
C GLY A 312 15.85 -2.44 -7.48
N GLU A 313 15.58 -3.73 -7.58
CA GLU A 313 14.48 -4.25 -8.46
C GLU A 313 13.15 -4.03 -7.75
N PRO A 314 12.20 -3.28 -8.37
CA PRO A 314 10.91 -3.02 -7.74
C PRO A 314 9.97 -4.23 -7.78
N PHE A 315 9.17 -4.38 -6.72
CA PHE A 315 8.00 -5.30 -6.66
C PHE A 315 6.76 -4.53 -7.13
N ASN A 316 5.70 -5.23 -7.58
CA ASN A 316 4.33 -4.64 -7.74
C ASN A 316 3.89 -4.07 -6.39
N GLU A 317 4.17 -4.82 -5.32
CA GLU A 317 3.76 -4.53 -3.91
C GLU A 317 4.18 -3.11 -3.53
N PRO A 318 3.26 -2.27 -3.02
CA PRO A 318 3.64 -0.93 -2.60
C PRO A 318 4.34 -0.97 -1.24
N ALA A 319 5.09 0.09 -0.94
CA ALA A 319 5.60 0.38 0.42
C ALA A 319 4.39 0.48 1.35
N LEU A 320 4.38 -0.19 2.50
CA LEU A 320 3.32 -0.03 3.53
C LEU A 320 3.41 1.39 4.12
N HIS A 321 4.62 1.92 4.31
CA HIS A 321 4.86 3.19 5.03
C HIS A 321 5.63 4.15 4.13
N PRO A 322 5.02 4.65 3.04
CA PRO A 322 5.75 5.48 2.07
C PRO A 322 6.15 6.84 2.64
N VAL A 323 5.37 7.40 3.57
CA VAL A 323 5.67 8.69 4.23
C VAL A 323 6.90 8.49 5.12
N GLY A 324 6.95 7.37 5.84
CA GLY A 324 8.12 6.96 6.63
C GLY A 324 9.35 6.85 5.76
N LEU A 325 9.22 6.22 4.59
CA LEU A 325 10.37 6.07 3.66
C LEU A 325 10.83 7.47 3.19
N LEU A 326 9.91 8.33 2.81
CA LEU A 326 10.28 9.71 2.40
C LEU A 326 10.98 10.42 3.56
N ALA A 327 10.47 10.26 4.78
CA ALA A 327 11.05 10.89 6.00
C ALA A 327 12.52 10.49 6.15
N THR A 328 12.83 9.20 6.00
CA THR A 328 14.19 8.68 6.24
C THR A 328 15.10 9.10 5.09
N ASN A 329 14.58 9.11 3.84
CA ASN A 329 15.32 9.61 2.65
C ASN A 329 15.67 11.09 2.87
N ALA A 330 14.76 11.88 3.46
CA ALA A 330 15.00 13.32 3.73
C ALA A 330 16.01 13.48 4.88
N MET A 331 15.94 12.65 5.93
CA MET A 331 16.86 12.75 7.09
C MET A 331 18.30 12.45 6.63
N ALA A 332 18.47 11.67 5.57
CA ALA A 332 19.79 11.39 4.95
C ALA A 332 20.46 12.69 4.48
N SER A 333 19.71 13.79 4.33
CA SER A 333 20.27 15.12 3.96
C SER A 333 21.16 15.65 5.09
N LEU A 334 21.12 15.10 6.31
CA LEU A 334 22.10 15.47 7.36
C LEU A 334 23.52 15.11 6.88
N ALA A 335 23.67 14.09 6.04
CA ALA A 335 25.01 13.66 5.60
C ALA A 335 25.20 13.84 4.09
N ALA A 336 24.16 13.73 3.27
CA ALA A 336 24.31 13.75 1.80
C ALA A 336 24.89 15.11 1.37
N ASP A 337 25.80 15.11 0.39
CA ASP A 337 26.30 16.37 -0.21
C ASP A 337 26.09 16.35 -1.73
N GLY A 338 25.23 15.45 -2.23
CA GLY A 338 24.94 15.25 -3.65
C GLY A 338 23.81 16.16 -4.12
N PRO A 339 23.36 16.02 -5.38
CA PRO A 339 22.41 16.96 -5.97
C PRO A 339 20.94 16.84 -5.52
N ASP A 340 20.62 15.87 -4.66
CA ASP A 340 19.22 15.56 -4.26
C ASP A 340 18.91 16.07 -2.84
N ALA A 341 19.92 16.48 -2.07
CA ALA A 341 19.80 16.76 -0.63
C ALA A 341 18.75 17.85 -0.37
N ASP A 342 18.82 19.00 -1.04
CA ASP A 342 17.87 20.11 -0.78
C ASP A 342 16.48 19.73 -1.30
N SER A 343 16.38 19.04 -2.43
CA SER A 343 15.08 18.54 -2.97
C SER A 343 14.36 17.68 -1.92
N PHE A 344 15.04 16.74 -1.27
CA PHE A 344 14.41 15.86 -0.25
C PHE A 344 13.93 16.69 0.96
N VAL A 345 14.68 17.70 1.37
CA VAL A 345 14.32 18.58 2.53
C VAL A 345 12.98 19.25 2.22
N LYS A 346 12.82 19.77 1.00
CA LYS A 346 11.60 20.51 0.58
C LYS A 346 10.44 19.52 0.37
N ARG A 347 10.69 18.36 -0.25
CA ARG A 347 9.65 17.30 -0.41
C ARG A 347 9.11 16.97 0.98
N PHE A 348 9.99 16.83 1.96
CA PHE A 348 9.60 16.47 3.35
C PHE A 348 8.77 17.60 3.98
N TRP A 349 9.27 18.84 3.91
CA TRP A 349 8.53 20.03 4.42
C TRP A 349 7.11 20.04 3.84
N ASN A 350 6.97 19.72 2.55
CA ASN A 350 5.68 19.82 1.81
C ASN A 350 4.81 18.58 2.06
N THR A 351 5.26 17.62 2.87
CA THR A 351 4.49 16.39 3.18
C THR A 351 3.86 16.54 4.56
N PRO A 352 2.54 16.35 4.71
CA PRO A 352 1.93 16.37 6.04
C PRO A 352 2.06 15.01 6.75
N LEU A 353 1.80 15.01 8.06
CA LEU A 353 1.67 13.77 8.86
C LEU A 353 0.68 12.83 8.17
N ARG A 354 0.94 11.53 8.22
CA ARG A 354 0.03 10.52 7.66
C ARG A 354 -1.20 10.40 8.57
N GLN A 355 -2.36 10.11 7.96
CA GLN A 355 -3.61 9.83 8.68
C GLN A 355 -4.06 8.40 8.37
N GLY A 356 -4.98 7.90 9.19
CA GLY A 356 -5.64 6.59 9.01
C GLY A 356 -4.91 5.51 9.76
N LYS A 357 -5.33 4.26 9.55
CA LYS A 357 -5.01 3.15 10.47
C LYS A 357 -3.54 2.74 10.38
N ARG A 358 -2.82 3.04 9.28
CA ARG A 358 -1.43 2.57 9.11
C ARG A 358 -0.42 3.69 9.48
N ARG A 359 -0.84 4.74 10.19
CA ARG A 359 -0.07 6.01 10.31
C ARG A 359 1.14 5.88 11.25
N TYR A 360 1.08 5.01 12.25
CA TYR A 360 2.00 5.02 13.42
C TYR A 360 3.47 5.04 12.95
N TYR A 361 3.88 4.08 12.13
CA TYR A 361 5.32 3.93 11.80
C TYR A 361 5.77 5.12 10.95
N ASP A 362 4.94 5.52 9.97
CA ASP A 362 5.20 6.70 9.11
C ASP A 362 5.44 7.92 10.00
N ASN A 363 4.59 8.12 11.00
CA ASN A 363 4.58 9.38 11.79
C ASN A 363 5.71 9.39 12.84
N CYS A 364 6.17 8.24 13.33
CA CYS A 364 7.38 8.16 14.21
C CYS A 364 8.62 8.58 13.43
N LEU A 365 8.81 8.00 12.23
CA LEU A 365 9.93 8.36 11.34
C LEU A 365 9.82 9.84 10.94
N TYR A 366 8.62 10.32 10.66
CA TYR A 366 8.38 11.71 10.27
C TYR A 366 8.86 12.65 11.38
N PHE A 367 8.46 12.35 12.62
CA PHE A 367 8.81 13.22 13.77
C PHE A 367 10.32 13.29 13.94
N PHE A 368 11.02 12.14 13.92
CA PHE A 368 12.49 12.14 14.06
C PHE A 368 13.12 13.00 12.96
N THR A 369 12.58 12.95 11.75
CA THR A 369 13.10 13.74 10.60
C THR A 369 12.82 15.24 10.85
N MET A 370 11.63 15.56 11.37
CA MET A 370 11.25 16.96 11.68
C MET A 370 12.21 17.48 12.76
N LEU A 371 12.53 16.67 13.78
CA LEU A 371 13.54 17.03 14.80
C LEU A 371 14.90 17.26 14.15
N ALA A 372 15.39 16.29 13.36
CA ALA A 372 16.77 16.29 12.84
C ALA A 372 16.98 17.45 11.84
N LEU A 373 16.09 17.62 10.88
CA LEU A 373 16.24 18.65 9.80
C LEU A 373 16.07 20.06 10.39
N SER A 374 15.44 20.23 11.56
CA SER A 374 15.32 21.52 12.27
C SER A 374 16.53 21.76 13.18
N GLY A 375 17.47 20.81 13.29
CA GLY A 375 18.63 20.92 14.18
C GLY A 375 18.27 20.73 15.65
N ASN A 376 17.19 19.99 15.92
CA ASN A 376 16.66 19.77 17.28
C ASN A 376 16.78 18.30 17.68
N TYR A 377 17.55 17.47 16.96
CA TYR A 377 17.81 16.08 17.43
C TYR A 377 19.23 16.10 18.00
N ARG A 378 19.33 16.33 19.30
CA ARG A 378 20.60 16.73 19.95
C ARG A 378 21.09 15.73 20.99
N VAL A 379 22.38 15.82 21.29
CA VAL A 379 22.99 15.10 22.43
C VAL A 379 22.80 15.98 23.67
N TYR A 380 22.18 15.45 24.70
CA TYR A 380 22.09 16.10 26.04
C TYR A 380 23.21 15.50 26.88
N GLN A 381 24.30 16.25 27.00
CA GLN A 381 25.57 15.82 27.63
C GLN A 381 25.52 16.01 29.16
N GLN A 382 26.37 15.24 29.85
CA GLN A 382 26.78 15.42 31.26
C GLN A 382 27.64 16.69 31.28
N ALA A 383 27.05 17.82 31.63
CA ALA A 383 27.70 19.13 31.46
C ALA A 383 27.27 20.07 32.57
N ALA A 384 28.04 21.16 32.71
CA ALA A 384 27.84 22.22 33.72
C ALA A 384 26.52 22.94 33.41
N ALA A 385 25.85 23.42 34.45
CA ALA A 385 24.68 24.34 34.40
C ALA A 385 24.80 25.32 33.22
N LYS B 6 -38.42 -8.32 -12.15
CA LYS B 6 -37.71 -8.17 -13.45
C LYS B 6 -36.63 -7.09 -13.32
N GLY B 7 -35.59 -7.20 -14.14
CA GLY B 7 -34.42 -6.33 -14.09
C GLY B 7 -34.66 -5.07 -14.89
N ALA B 8 -33.71 -4.14 -14.82
CA ALA B 8 -33.67 -2.88 -15.60
C ALA B 8 -33.74 -3.18 -17.11
N TYR B 9 -33.18 -4.30 -17.57
CA TYR B 9 -33.26 -4.72 -18.99
C TYR B 9 -34.73 -4.83 -19.43
N ASP B 10 -35.57 -5.44 -18.59
CA ASP B 10 -37.01 -5.68 -18.90
C ASP B 10 -37.82 -4.41 -18.66
N THR B 11 -37.55 -3.66 -17.59
CA THR B 11 -38.41 -2.54 -17.11
C THR B 11 -37.98 -1.20 -17.70
N GLY B 12 -36.69 -1.03 -18.02
CA GLY B 12 -36.10 0.25 -18.45
C GLY B 12 -35.91 1.22 -17.27
N THR B 13 -36.14 0.78 -16.03
CA THR B 13 -35.99 1.62 -14.82
C THR B 13 -34.71 1.16 -14.08
N TYR B 14 -33.77 2.10 -13.91
CA TYR B 14 -32.46 1.87 -13.24
C TYR B 14 -32.51 2.48 -11.84
N ALA B 15 -32.10 1.71 -10.83
CA ALA B 15 -32.04 2.18 -9.41
C ALA B 15 -30.99 3.31 -9.33
N ASN B 16 -31.39 4.44 -8.73
CA ASN B 16 -30.51 5.58 -8.40
C ASN B 16 -30.22 5.50 -6.90
N LEU B 17 -29.16 4.78 -6.52
CA LEU B 17 -28.84 4.51 -5.10
C LEU B 17 -28.44 5.81 -4.40
N PHE B 18 -27.78 6.73 -5.12
CA PHE B 18 -27.41 8.06 -4.58
C PHE B 18 -28.70 8.80 -4.17
N GLN B 19 -29.71 8.79 -5.03
CA GLN B 19 -31.01 9.46 -4.77
C GLN B 19 -31.69 8.78 -3.58
N ARG B 20 -31.65 7.45 -3.53
CA ARG B 20 -32.27 6.66 -2.43
C ARG B 20 -31.58 7.00 -1.10
N SER B 21 -30.32 7.44 -1.18
CA SER B 21 -29.49 7.81 0.01
C SER B 21 -29.71 9.28 0.39
N GLY B 22 -30.47 10.06 -0.37
CA GLY B 22 -30.85 11.46 -0.04
C GLY B 22 -30.09 12.50 -0.85
N TYR B 23 -29.21 12.11 -1.77
CA TYR B 23 -28.54 13.06 -2.69
C TYR B 23 -29.54 13.54 -3.75
N ARG B 24 -29.38 14.76 -4.22
CA ARG B 24 -30.33 15.41 -5.16
C ARG B 24 -29.99 15.04 -6.59
N GLU B 25 -31.00 14.83 -7.44
CA GLU B 25 -30.85 14.42 -8.86
C GLU B 25 -29.87 15.36 -9.58
N ASP B 26 -29.99 16.69 -9.38
CA ASP B 26 -29.12 17.68 -10.08
C ASP B 26 -27.67 17.54 -9.58
N GLU B 27 -27.50 17.41 -8.26
CA GLU B 27 -26.22 17.15 -7.55
C GLU B 27 -25.51 15.92 -8.14
N ILE B 28 -26.27 14.84 -8.32
CA ILE B 28 -25.74 13.53 -8.80
C ILE B 28 -25.28 13.69 -10.26
N LYS B 29 -26.12 14.26 -11.14
CA LYS B 29 -25.74 14.49 -12.56
C LYS B 29 -24.46 15.32 -12.65
N ALA B 30 -24.33 16.39 -11.86
CA ALA B 30 -23.15 17.28 -11.90
C ALA B 30 -21.91 16.48 -11.44
N ARG B 31 -22.07 15.63 -10.41
CA ARG B 31 -20.94 14.85 -9.85
C ARG B 31 -20.44 13.85 -10.90
N LEU B 32 -21.34 13.17 -11.61
CA LEU B 32 -20.97 12.21 -12.68
C LEU B 32 -20.24 12.97 -13.80
N GLU B 33 -20.77 14.11 -14.25
CA GLU B 33 -20.14 14.92 -15.32
C GLU B 33 -18.74 15.36 -14.86
N GLN B 34 -18.61 15.83 -13.61
CA GLN B 34 -17.32 16.27 -13.05
C GLN B 34 -16.34 15.07 -13.00
N THR B 35 -16.81 13.87 -12.64
CA THR B 35 -15.94 12.67 -12.62
C THR B 35 -15.40 12.42 -14.04
N TRP B 36 -16.27 12.47 -15.05
CA TRP B 36 -15.86 12.31 -16.46
C TRP B 36 -14.81 13.37 -16.79
N ASN B 37 -15.08 14.64 -16.48
CA ASN B 37 -14.19 15.78 -16.84
C ASN B 37 -12.79 15.58 -16.23
N ASP B 38 -12.74 15.18 -14.95
CA ASP B 38 -11.48 14.98 -14.18
C ASP B 38 -10.72 13.78 -14.75
N LEU B 39 -11.40 12.66 -15.03
CA LEU B 39 -10.69 11.45 -15.51
C LEU B 39 -10.20 11.61 -16.94
N PHE B 40 -10.99 12.24 -17.82
CA PHE B 40 -10.67 12.32 -19.27
C PHE B 40 -9.86 13.60 -19.55
N TYR B 41 -10.10 14.70 -18.84
CA TYR B 41 -9.49 16.03 -19.15
C TYR B 41 -9.01 16.76 -17.88
N GLY B 42 -8.74 16.04 -16.78
CA GLY B 42 -8.30 16.65 -15.51
C GLY B 42 -6.82 17.02 -15.55
N ASP B 43 -6.22 17.33 -14.39
CA ASP B 43 -4.79 17.70 -14.30
C ASP B 43 -3.93 16.44 -14.44
N GLU B 44 -2.62 16.60 -14.50
CA GLU B 44 -1.66 15.54 -14.90
C GLU B 44 -1.49 14.51 -13.77
N HIS B 45 -2.02 14.79 -12.57
CA HIS B 45 -1.99 13.84 -11.42
C HIS B 45 -3.30 13.05 -11.27
N THR B 46 -4.30 13.30 -12.12
CA THR B 46 -5.70 12.80 -11.94
C THR B 46 -6.16 12.02 -13.19
N ARG B 47 -5.94 12.58 -14.38
CA ARG B 47 -6.48 12.04 -15.66
C ARG B 47 -5.81 10.72 -16.00
N ILE B 48 -6.51 9.90 -16.78
CA ILE B 48 -6.01 8.57 -17.21
C ILE B 48 -6.16 8.40 -18.73
N TYR B 49 -6.84 9.36 -19.37
CA TYR B 49 -7.07 9.39 -20.83
C TYR B 49 -6.15 10.44 -21.48
N TYR B 50 -5.51 10.08 -22.59
CA TYR B 50 -4.60 10.95 -23.36
C TYR B 50 -4.95 10.88 -24.84
N PRO B 51 -5.47 11.98 -25.45
CA PRO B 51 -5.72 12.00 -26.89
C PRO B 51 -4.39 12.00 -27.65
N VAL B 52 -4.35 11.37 -28.82
CA VAL B 52 -3.14 11.22 -29.70
C VAL B 52 -3.54 11.70 -31.10
N GLY B 53 -2.98 12.84 -31.53
CA GLY B 53 -3.23 13.43 -32.86
C GLY B 53 -4.70 13.75 -33.05
N ASP B 54 -5.24 13.45 -34.24
CA ASP B 54 -6.61 13.84 -34.66
C ASP B 54 -7.62 12.72 -34.39
N ASP B 55 -7.21 11.45 -34.32
CA ASP B 55 -8.20 10.34 -34.37
C ASP B 55 -7.85 9.17 -33.44
N LYS B 56 -6.95 9.35 -32.46
CA LYS B 56 -6.62 8.27 -31.50
C LYS B 56 -6.57 8.82 -30.07
N GLY B 57 -6.49 7.89 -29.12
CA GLY B 57 -6.48 8.17 -27.68
C GLY B 57 -6.25 6.89 -26.91
N TYR B 58 -5.67 6.96 -25.72
CA TYR B 58 -5.40 5.75 -24.90
C TYR B 58 -5.71 6.05 -23.43
N MET B 59 -6.12 4.99 -22.73
CA MET B 59 -6.21 4.91 -21.26
C MET B 59 -4.86 4.39 -20.75
N LEU B 60 -4.18 5.18 -19.90
CA LEU B 60 -2.83 4.86 -19.42
C LEU B 60 -2.92 4.12 -18.07
N ASP B 61 -2.31 2.93 -17.99
CA ASP B 61 -2.04 2.30 -16.67
C ASP B 61 -0.84 3.05 -16.09
N THR B 62 -1.16 4.06 -15.29
CA THR B 62 -0.21 5.02 -14.70
C THR B 62 0.84 4.25 -13.88
N GLY B 63 0.42 3.18 -13.22
CA GLY B 63 1.27 2.41 -12.31
C GLY B 63 2.31 1.56 -13.04
N ASN B 64 2.01 1.14 -14.27
CA ASN B 64 2.86 0.19 -15.02
C ASN B 64 3.46 0.86 -16.27
N ASP B 65 3.12 2.13 -16.52
CA ASP B 65 3.59 2.94 -17.67
C ASP B 65 3.26 2.24 -18.99
N ASP B 66 2.10 1.60 -19.09
CA ASP B 66 1.73 0.86 -20.32
C ASP B 66 0.25 1.07 -20.58
N VAL B 67 -0.20 0.65 -21.75
CA VAL B 67 -1.62 0.74 -22.20
C VAL B 67 -2.14 -0.69 -22.29
N ARG B 68 -3.24 -0.98 -21.61
CA ARG B 68 -3.75 -2.35 -21.43
C ARG B 68 -5.08 -2.49 -22.17
N SER B 69 -5.33 -3.65 -22.76
CA SER B 69 -6.61 -3.93 -23.48
C SER B 69 -7.79 -3.78 -22.50
N ALA B 70 -7.63 -4.21 -21.25
CA ALA B 70 -8.67 -4.02 -20.20
C ALA B 70 -8.98 -2.52 -20.06
N GLY B 71 -7.96 -1.68 -19.93
CA GLY B 71 -8.15 -0.21 -19.74
C GLY B 71 -8.77 0.45 -20.95
N MET B 72 -8.32 0.09 -22.15
CA MET B 72 -8.86 0.67 -23.41
C MET B 72 -10.35 0.31 -23.50
N SER B 73 -10.69 -0.94 -23.20
CA SER B 73 -12.08 -1.44 -23.31
C SER B 73 -12.93 -0.76 -22.21
N TYR B 74 -12.37 -0.56 -21.00
CA TYR B 74 -13.07 0.20 -19.94
C TYR B 74 -13.37 1.62 -20.42
N GLY B 75 -12.38 2.30 -21.00
CA GLY B 75 -12.56 3.67 -21.53
C GLY B 75 -13.68 3.73 -22.56
N MET B 76 -13.75 2.75 -23.46
CA MET B 76 -14.83 2.66 -24.47
C MET B 76 -16.19 2.50 -23.78
N MET B 77 -16.26 1.66 -22.75
CA MET B 77 -17.56 1.48 -22.04
C MET B 77 -17.94 2.80 -21.36
N MET B 78 -16.98 3.47 -20.71
CA MET B 78 -17.27 4.77 -20.05
C MET B 78 -17.81 5.76 -21.09
N ALA B 79 -17.16 5.82 -22.25
CA ALA B 79 -17.47 6.83 -23.30
C ALA B 79 -18.87 6.54 -23.87
N VAL B 80 -19.19 5.29 -24.15
CA VAL B 80 -20.53 4.96 -24.73
C VAL B 80 -21.60 5.19 -23.66
N GLN B 81 -21.33 4.90 -22.39
CA GLN B 81 -22.31 5.10 -21.29
C GLN B 81 -22.57 6.59 -21.07
N MET B 82 -21.57 7.44 -21.34
CA MET B 82 -21.63 8.91 -21.11
C MET B 82 -22.08 9.65 -22.37
N ASP B 83 -22.33 8.93 -23.47
CA ASP B 83 -22.73 9.49 -24.80
C ASP B 83 -21.58 10.34 -25.35
N LYS B 84 -20.36 9.82 -25.35
CA LYS B 84 -19.12 10.57 -25.70
C LYS B 84 -18.47 9.91 -26.92
N LYS B 85 -19.09 10.06 -28.09
CA LYS B 85 -18.68 9.33 -29.31
C LYS B 85 -17.27 9.72 -29.73
N HIS B 86 -16.90 11.00 -29.58
CA HIS B 86 -15.57 11.51 -29.98
C HIS B 86 -14.47 10.68 -29.30
N GLU B 87 -14.56 10.57 -27.99
CA GLU B 87 -13.58 9.81 -27.17
C GLU B 87 -13.72 8.31 -27.49
N PHE B 88 -14.94 7.81 -27.62
CA PHE B 88 -15.18 6.38 -27.98
C PHE B 88 -14.37 6.04 -29.24
N ASP B 89 -14.56 6.83 -30.30
CA ASP B 89 -13.94 6.61 -31.63
C ASP B 89 -12.42 6.66 -31.52
N ARG B 90 -11.86 7.63 -30.80
CA ARG B 90 -10.39 7.74 -30.59
C ARG B 90 -9.84 6.48 -29.91
N LEU B 91 -10.48 6.04 -28.82
CA LEU B 91 -10.02 4.84 -28.07
C LEU B 91 -10.10 3.62 -28.97
N TRP B 92 -11.23 3.42 -29.66
CA TRP B 92 -11.43 2.23 -30.50
C TRP B 92 -10.39 2.23 -31.63
N ASN B 93 -10.18 3.38 -32.26
CA ASN B 93 -9.18 3.50 -33.37
C ASN B 93 -7.79 3.11 -32.87
N TYR B 94 -7.43 3.50 -31.64
CA TYR B 94 -6.11 3.13 -31.05
C TYR B 94 -6.03 1.61 -30.89
N ALA B 95 -7.05 0.99 -30.29
CA ALA B 95 -7.07 -0.47 -30.04
C ALA B 95 -7.03 -1.22 -31.38
N TYR B 96 -7.89 -0.81 -32.31
CA TYR B 96 -7.97 -1.39 -33.69
C TYR B 96 -6.60 -1.29 -34.37
N THR B 97 -6.01 -0.09 -34.40
CA THR B 97 -4.76 0.20 -35.16
C THR B 97 -3.56 -0.52 -34.55
N TYR B 98 -3.35 -0.44 -33.23
CA TYR B 98 -2.08 -0.88 -32.60
C TYR B 98 -2.19 -2.28 -31.98
N MET B 99 -3.36 -2.68 -31.46
CA MET B 99 -3.43 -3.84 -30.52
C MET B 99 -4.05 -5.07 -31.20
N GLN B 100 -5.01 -4.91 -32.10
CA GLN B 100 -5.72 -6.08 -32.68
C GLN B 100 -4.80 -6.82 -33.67
N HIS B 101 -4.65 -8.12 -33.49
CA HIS B 101 -3.84 -9.02 -34.36
C HIS B 101 -4.59 -9.20 -35.68
N THR B 102 -3.89 -9.04 -36.81
CA THR B 102 -4.47 -9.23 -38.18
C THR B 102 -4.09 -10.61 -38.72
N GLU B 103 -3.21 -11.35 -38.03
CA GLU B 103 -2.76 -12.69 -38.48
C GLU B 103 -2.34 -13.54 -37.27
N GLY B 104 -2.10 -14.83 -37.51
CA GLY B 104 -1.46 -15.75 -36.56
C GLY B 104 -2.46 -16.37 -35.58
N ARG B 105 -1.96 -17.00 -34.54
CA ARG B 105 -2.77 -17.80 -33.57
C ARG B 105 -3.74 -16.89 -32.79
N TYR B 106 -3.49 -15.58 -32.73
CA TYR B 106 -4.30 -14.60 -31.96
C TYR B 106 -5.09 -13.68 -32.90
N LYS B 107 -5.25 -14.04 -34.17
CA LYS B 107 -6.00 -13.21 -35.15
C LYS B 107 -7.35 -12.75 -34.57
N ASP B 108 -7.60 -11.45 -34.63
CA ASP B 108 -8.84 -10.74 -34.18
C ASP B 108 -8.84 -10.51 -32.66
N TYR B 109 -8.01 -11.21 -31.90
CA TYR B 109 -7.72 -10.87 -30.49
C TYR B 109 -6.84 -9.60 -30.41
N PHE B 110 -6.65 -9.08 -29.19
CA PHE B 110 -5.88 -7.84 -28.91
C PHE B 110 -4.67 -8.18 -28.06
N ALA B 111 -3.46 -7.83 -28.53
CA ALA B 111 -2.23 -7.82 -27.70
C ALA B 111 -2.59 -7.07 -26.41
N TRP B 112 -2.39 -7.71 -25.25
CA TRP B 112 -2.99 -7.24 -23.97
C TRP B 112 -2.37 -5.92 -23.50
N HIS B 113 -1.15 -5.59 -23.92
CA HIS B 113 -0.54 -4.29 -23.54
C HIS B 113 0.48 -3.82 -24.57
N CYS B 114 0.61 -2.50 -24.62
CA CYS B 114 1.57 -1.81 -25.51
C CYS B 114 2.10 -0.57 -24.81
N LYS B 115 3.24 -0.07 -25.31
CA LYS B 115 3.77 1.27 -24.95
C LYS B 115 2.73 2.30 -25.38
N PRO B 116 2.67 3.47 -24.73
CA PRO B 116 1.77 4.54 -25.19
C PRO B 116 1.83 4.87 -26.69
N ASP B 117 3.01 4.71 -27.32
CA ASP B 117 3.22 4.97 -28.77
C ASP B 117 2.70 3.81 -29.63
N GLY B 118 2.18 2.73 -29.02
CA GLY B 118 1.46 1.67 -29.74
C GLY B 118 2.32 0.45 -29.99
N THR B 119 3.58 0.46 -29.58
CA THR B 119 4.50 -0.70 -29.69
C THR B 119 4.00 -1.81 -28.77
N ARG B 120 3.75 -3.01 -29.30
CA ARG B 120 3.24 -4.15 -28.50
C ARG B 120 4.33 -4.64 -27.56
N LEU B 121 3.96 -4.97 -26.32
CA LEU B 121 4.91 -5.41 -25.27
C LEU B 121 4.85 -6.93 -25.12
N SER B 122 3.68 -7.52 -25.36
CA SER B 122 3.40 -8.97 -25.36
C SER B 122 2.35 -9.21 -26.44
N PRO B 123 2.42 -10.35 -27.17
CA PRO B 123 1.39 -10.67 -28.16
C PRO B 123 0.10 -11.24 -27.57
N GLY B 124 0.18 -11.85 -26.38
CA GLY B 124 -0.92 -12.60 -25.76
C GLY B 124 -2.11 -11.70 -25.45
N PRO B 125 -3.36 -12.21 -25.59
CA PRO B 125 -4.54 -11.43 -25.23
C PRO B 125 -5.04 -11.67 -23.81
N ALA B 126 -5.89 -10.76 -23.35
CA ALA B 126 -6.55 -10.79 -22.03
C ALA B 126 -8.06 -10.86 -22.28
N PRO B 127 -8.71 -12.01 -22.02
CA PRO B 127 -10.13 -12.19 -22.35
C PRO B 127 -11.06 -11.10 -21.78
N ASP B 128 -10.66 -10.49 -20.66
CA ASP B 128 -11.49 -9.45 -19.99
C ASP B 128 -11.52 -8.22 -20.88
N GLY B 129 -10.46 -7.97 -21.65
CA GLY B 129 -10.44 -6.89 -22.65
C GLY B 129 -11.41 -7.19 -23.77
N GLU B 130 -11.25 -8.35 -24.42
CA GLU B 130 -12.09 -8.76 -25.59
C GLU B 130 -13.59 -8.59 -25.24
N GLU B 131 -14.04 -9.09 -24.09
CA GLU B 131 -15.49 -9.09 -23.78
C GLU B 131 -16.00 -7.66 -23.56
N PHE B 132 -15.19 -6.79 -22.95
CA PHE B 132 -15.55 -5.35 -22.79
C PHE B 132 -15.54 -4.65 -24.16
N PHE B 133 -14.57 -4.92 -25.01
CA PHE B 133 -14.54 -4.35 -26.38
C PHE B 133 -15.87 -4.68 -27.07
N ALA B 134 -16.26 -5.96 -27.06
CA ALA B 134 -17.47 -6.43 -27.77
C ALA B 134 -18.70 -5.74 -27.20
N MET B 135 -18.83 -5.68 -25.87
CA MET B 135 -20.05 -5.12 -25.23
C MET B 135 -20.13 -3.62 -25.55
N ALA B 136 -19.03 -2.88 -25.40
CA ALA B 136 -18.97 -1.42 -25.66
C ALA B 136 -19.31 -1.15 -27.14
N LEU B 137 -18.79 -1.95 -28.05
CA LEU B 137 -19.04 -1.83 -29.52
C LEU B 137 -20.52 -2.11 -29.82
N PHE B 138 -21.14 -3.13 -29.22
CA PHE B 138 -22.58 -3.39 -29.45
C PHE B 138 -23.39 -2.19 -28.96
N PHE B 139 -23.03 -1.62 -27.81
CA PHE B 139 -23.74 -0.45 -27.24
C PHE B 139 -23.53 0.77 -28.16
N ALA B 140 -22.33 0.94 -28.72
CA ALA B 140 -21.99 2.01 -29.69
C ALA B 140 -22.91 1.90 -30.91
N SER B 141 -23.00 0.70 -31.48
CA SER B 141 -23.93 0.37 -32.60
C SER B 141 -25.37 0.76 -32.23
N ASN B 142 -25.83 0.37 -31.05
CA ASN B 142 -27.25 0.50 -30.63
C ASN B 142 -27.58 1.96 -30.30
N ARG B 143 -26.59 2.74 -29.87
CA ARG B 143 -26.77 4.18 -29.47
C ARG B 143 -26.63 5.09 -30.69
N TRP B 144 -25.63 4.87 -31.54
CA TRP B 144 -25.18 5.84 -32.56
C TRP B 144 -25.38 5.31 -33.99
N GLY B 145 -25.50 4.00 -34.16
CA GLY B 145 -25.45 3.35 -35.49
C GLY B 145 -24.02 3.11 -35.95
N ASP B 146 -23.82 2.06 -36.72
CA ASP B 146 -22.53 1.73 -37.38
C ASP B 146 -22.12 2.90 -38.29
N GLY B 147 -20.82 3.22 -38.30
CA GLY B 147 -20.21 4.09 -39.32
C GLY B 147 -19.44 3.22 -40.29
N PRO B 148 -18.70 3.84 -41.25
CA PRO B 148 -17.80 3.07 -42.13
C PRO B 148 -16.70 2.38 -41.32
N ALA B 149 -16.24 1.22 -41.79
CA ALA B 149 -15.16 0.45 -41.16
C ALA B 149 -13.97 1.38 -40.97
N PRO B 150 -13.23 1.36 -39.84
CA PRO B 150 -13.44 0.39 -38.75
C PRO B 150 -14.44 0.76 -37.65
N TYR B 151 -15.28 1.77 -37.90
CA TYR B 151 -16.35 2.22 -36.98
C TYR B 151 -17.68 1.53 -37.29
N ASP B 152 -17.61 0.36 -37.92
CA ASP B 152 -18.78 -0.54 -38.16
C ASP B 152 -18.93 -1.41 -36.89
N TYR B 153 -19.39 -0.78 -35.82
CA TYR B 153 -19.24 -1.23 -34.40
C TYR B 153 -19.78 -2.64 -34.22
N GLN B 154 -21.02 -2.94 -34.63
CA GLN B 154 -21.61 -4.28 -34.34
C GLN B 154 -20.86 -5.34 -35.16
N ALA B 155 -20.38 -5.02 -36.37
CA ALA B 155 -19.61 -5.98 -37.19
C ALA B 155 -18.27 -6.27 -36.49
N GLN B 156 -17.59 -5.24 -35.97
CA GLN B 156 -16.32 -5.41 -35.21
C GLN B 156 -16.58 -6.28 -33.97
N ALA B 157 -17.66 -6.02 -33.24
CA ALA B 157 -18.00 -6.79 -32.02
C ALA B 157 -18.20 -8.27 -32.38
N ARG B 158 -18.94 -8.57 -33.45
CA ARG B 158 -19.27 -9.98 -33.81
C ARG B 158 -17.99 -10.69 -34.24
N LYS B 159 -17.08 -9.96 -34.86
CA LYS B 159 -15.77 -10.51 -35.30
C LYS B 159 -14.95 -10.93 -34.07
N ILE B 160 -14.90 -10.08 -33.06
CA ILE B 160 -14.19 -10.38 -31.77
C ILE B 160 -14.80 -11.65 -31.19
N LEU B 161 -16.12 -11.72 -31.01
CA LEU B 161 -16.79 -12.84 -30.30
C LEU B 161 -16.74 -14.13 -31.13
N HIS B 162 -16.67 -14.02 -32.45
CA HIS B 162 -16.41 -15.20 -33.33
C HIS B 162 -15.08 -15.85 -32.91
N ALA B 163 -14.00 -15.06 -32.88
CA ALA B 163 -12.65 -15.54 -32.50
C ALA B 163 -12.68 -16.12 -31.08
N CYS B 164 -13.37 -15.43 -30.16
CA CYS B 164 -13.46 -15.84 -28.74
C CYS B 164 -13.96 -17.29 -28.64
N LEU B 165 -14.90 -17.72 -29.48
CA LEU B 165 -15.48 -19.09 -29.40
C LEU B 165 -14.80 -20.03 -30.40
N HIS B 166 -14.30 -19.54 -31.55
CA HIS B 166 -13.93 -20.42 -32.70
C HIS B 166 -12.44 -20.35 -33.06
N GLN B 167 -11.61 -19.60 -32.34
CA GLN B 167 -10.15 -19.53 -32.64
C GLN B 167 -9.56 -20.94 -32.62
N GLY B 168 -8.72 -21.27 -33.61
CA GLY B 168 -8.03 -22.56 -33.66
C GLY B 168 -8.86 -23.66 -34.31
N GLU B 169 -10.05 -23.35 -34.83
CA GLU B 169 -10.86 -24.33 -35.60
C GLU B 169 -10.25 -24.42 -37.01
N GLN B 170 -9.77 -23.30 -37.54
CA GLN B 170 -9.18 -23.15 -38.90
C GLN B 170 -7.73 -22.70 -38.78
N GLY B 171 -6.88 -23.53 -38.17
CA GLY B 171 -5.43 -23.25 -38.01
C GLY B 171 -5.01 -23.29 -36.54
N GLU B 172 -4.04 -22.46 -36.18
CA GLU B 172 -3.48 -22.44 -34.80
C GLU B 172 -4.26 -21.43 -33.95
N GLY B 173 -4.25 -21.64 -32.65
CA GLY B 173 -4.88 -20.76 -31.66
C GLY B 173 -5.84 -21.55 -30.79
N ASP B 174 -6.44 -20.86 -29.83
CA ASP B 174 -7.31 -21.48 -28.80
C ASP B 174 -8.42 -20.50 -28.52
N PRO B 175 -9.65 -20.97 -28.24
CA PRO B 175 -10.74 -20.07 -27.87
C PRO B 175 -10.53 -19.51 -26.46
N MET B 176 -11.26 -18.45 -26.12
CA MET B 176 -11.19 -17.81 -24.79
C MET B 176 -12.24 -18.39 -23.84
N TRP B 177 -13.19 -19.16 -24.38
CA TRP B 177 -14.18 -19.94 -23.59
C TRP B 177 -13.88 -21.43 -23.74
N GLU B 178 -13.93 -22.18 -22.64
CA GLU B 178 -13.82 -23.65 -22.63
C GLU B 178 -15.17 -24.22 -23.08
N PRO B 179 -15.24 -24.90 -24.24
CA PRO B 179 -16.51 -25.41 -24.76
C PRO B 179 -17.24 -26.41 -23.83
N SER B 180 -16.52 -27.15 -22.98
CA SER B 180 -17.12 -28.24 -22.17
C SER B 180 -17.89 -27.66 -20.98
N ASN B 181 -17.54 -26.46 -20.51
CA ASN B 181 -18.17 -25.89 -19.29
C ASN B 181 -18.72 -24.48 -19.55
N ARG B 182 -18.52 -23.93 -20.76
CA ARG B 182 -19.00 -22.58 -21.18
C ARG B 182 -18.41 -21.49 -20.26
N LEU B 183 -17.21 -21.71 -19.69
CA LEU B 183 -16.55 -20.72 -18.80
C LEU B 183 -15.44 -19.98 -19.54
N ILE B 184 -15.41 -18.66 -19.35
CA ILE B 184 -14.28 -17.84 -19.83
C ILE B 184 -13.00 -18.30 -19.11
N LYS B 185 -11.88 -18.25 -19.82
CA LYS B 185 -10.55 -18.65 -19.32
C LYS B 185 -9.76 -17.41 -18.90
N PHE B 186 -8.72 -17.60 -18.09
CA PHE B 186 -7.71 -16.57 -17.77
C PHE B 186 -6.95 -16.18 -19.04
N ILE B 187 -6.42 -17.16 -19.78
CA ILE B 187 -5.79 -16.92 -21.11
C ILE B 187 -6.14 -18.11 -21.99
N PRO B 188 -6.09 -17.96 -23.33
CA PRO B 188 -6.53 -19.06 -24.20
C PRO B 188 -5.85 -20.41 -23.93
N GLU B 189 -4.59 -20.41 -23.47
CA GLU B 189 -3.77 -21.65 -23.43
C GLU B 189 -3.96 -22.43 -22.12
N LEU B 190 -4.53 -21.84 -21.06
CA LEU B 190 -4.44 -22.43 -19.69
C LEU B 190 -5.83 -22.84 -19.19
N PRO B 191 -5.94 -23.99 -18.48
CA PRO B 191 -7.24 -24.54 -18.08
C PRO B 191 -7.73 -24.05 -16.72
N PHE B 192 -7.79 -22.74 -16.53
CA PHE B 192 -8.36 -22.15 -15.29
C PHE B 192 -8.86 -20.75 -15.62
N SER B 193 -9.52 -20.13 -14.66
CA SER B 193 -10.26 -18.88 -14.89
C SER B 193 -9.83 -17.81 -13.87
N ASP B 194 -10.49 -16.67 -13.95
CA ASP B 194 -10.30 -15.46 -13.12
C ASP B 194 -11.72 -14.98 -12.84
N PRO B 195 -12.24 -15.17 -11.61
CA PRO B 195 -13.65 -14.84 -11.33
C PRO B 195 -14.10 -13.45 -11.81
N SER B 196 -13.23 -12.44 -11.70
CA SER B 196 -13.52 -11.05 -12.08
C SER B 196 -13.85 -10.95 -13.58
N TYR B 197 -13.44 -11.95 -14.39
CA TYR B 197 -13.68 -11.93 -15.86
C TYR B 197 -15.12 -12.38 -16.20
N HIS B 198 -15.83 -12.98 -15.26
CA HIS B 198 -17.18 -13.55 -15.48
C HIS B 198 -18.23 -12.45 -15.49
N LEU B 199 -18.79 -12.16 -16.66
CA LEU B 199 -19.76 -11.06 -16.90
C LEU B 199 -21.02 -11.70 -17.46
N PRO B 200 -21.82 -12.46 -16.67
CA PRO B 200 -22.98 -13.17 -17.19
C PRO B 200 -23.99 -12.22 -17.84
N HIS B 201 -24.10 -11.01 -17.28
CA HIS B 201 -24.95 -9.92 -17.81
C HIS B 201 -24.51 -9.49 -19.22
N PHE B 202 -23.21 -9.49 -19.53
CA PHE B 202 -22.75 -9.21 -20.92
C PHE B 202 -23.12 -10.39 -21.83
N TYR B 203 -22.98 -11.64 -21.36
CA TYR B 203 -23.25 -12.84 -22.18
C TYR B 203 -24.74 -12.90 -22.53
N GLU B 204 -25.63 -12.47 -21.63
CA GLU B 204 -27.08 -12.39 -21.93
C GLU B 204 -27.28 -11.55 -23.18
N LEU B 205 -26.52 -10.46 -23.29
CA LEU B 205 -26.64 -9.49 -24.41
C LEU B 205 -25.92 -10.04 -25.65
N PHE B 206 -24.79 -10.72 -25.50
CA PHE B 206 -24.14 -11.42 -26.64
C PHE B 206 -25.15 -12.41 -27.25
N ALA B 207 -26.02 -13.02 -26.44
CA ALA B 207 -27.04 -13.99 -26.89
C ALA B 207 -28.09 -13.29 -27.74
N GLN B 208 -28.18 -11.96 -27.68
CA GLN B 208 -29.09 -11.13 -28.52
C GLN B 208 -28.33 -10.60 -29.75
N TYR B 209 -27.03 -10.30 -29.65
CA TYR B 209 -26.32 -9.47 -30.67
C TYR B 209 -25.28 -10.27 -31.48
N ALA B 210 -24.76 -11.38 -30.96
CA ALA B 210 -23.65 -12.13 -31.59
C ALA B 210 -24.13 -12.77 -32.91
N ASN B 211 -23.19 -13.31 -33.68
CA ASN B 211 -23.48 -14.23 -34.81
C ASN B 211 -24.53 -15.27 -34.35
N GLU B 212 -25.55 -15.53 -35.17
CA GLU B 212 -26.71 -16.37 -34.77
C GLU B 212 -26.26 -17.74 -34.27
N GLN B 213 -25.29 -18.38 -34.93
CA GLN B 213 -24.88 -19.77 -34.59
C GLN B 213 -24.30 -19.83 -33.17
N ASP B 214 -23.89 -18.70 -32.59
CA ASP B 214 -23.25 -18.65 -31.26
C ASP B 214 -24.23 -18.21 -30.15
N ARG B 215 -25.48 -17.85 -30.46
CA ARG B 215 -26.37 -17.19 -29.46
C ARG B 215 -26.75 -18.19 -28.35
N THR B 216 -26.97 -19.46 -28.67
CA THR B 216 -27.27 -20.50 -27.66
C THR B 216 -26.10 -20.63 -26.69
N PHE B 217 -24.88 -20.72 -27.20
CA PHE B 217 -23.65 -20.80 -26.37
C PHE B 217 -23.61 -19.63 -25.39
N TRP B 218 -23.83 -18.40 -25.87
CA TRP B 218 -23.80 -17.19 -25.01
C TRP B 218 -24.86 -17.27 -23.91
N LYS B 219 -26.09 -17.70 -24.22
CA LYS B 219 -27.15 -17.91 -23.20
C LYS B 219 -26.65 -18.92 -22.14
N GLU B 220 -26.00 -19.99 -22.58
CA GLU B 220 -25.48 -21.06 -21.69
C GLU B 220 -24.34 -20.50 -20.83
N ALA B 221 -23.48 -19.67 -21.43
CA ALA B 221 -22.33 -19.05 -20.73
C ALA B 221 -22.85 -18.12 -19.62
N ALA B 222 -23.96 -17.42 -19.87
CA ALA B 222 -24.55 -16.52 -18.85
C ALA B 222 -24.91 -17.36 -17.62
N GLU B 223 -25.60 -18.48 -17.80
CA GLU B 223 -26.00 -19.35 -16.67
C GLU B 223 -24.78 -20.03 -16.04
N ALA B 224 -23.82 -20.50 -16.83
CA ALA B 224 -22.60 -21.18 -16.32
C ALA B 224 -21.79 -20.20 -15.45
N SER B 225 -21.68 -18.94 -15.85
CA SER B 225 -20.92 -17.90 -15.10
C SER B 225 -21.62 -17.54 -13.79
N ARG B 226 -22.95 -17.47 -13.79
CA ARG B 226 -23.71 -17.20 -12.55
C ARG B 226 -23.42 -18.33 -11.54
N ALA B 227 -23.49 -19.58 -11.99
CA ALA B 227 -23.21 -20.78 -11.18
C ALA B 227 -21.75 -20.78 -10.73
N TYR B 228 -20.83 -20.45 -11.63
CA TYR B 228 -19.37 -20.40 -11.32
C TYR B 228 -19.09 -19.43 -10.17
N LEU B 229 -19.69 -18.25 -10.20
CA LEU B 229 -19.42 -17.20 -9.19
C LEU B 229 -19.90 -17.67 -7.82
N ARG B 230 -20.97 -18.47 -7.79
CA ARG B 230 -21.49 -19.05 -6.53
C ARG B 230 -20.46 -20.03 -5.95
N THR B 231 -19.65 -20.69 -6.78
CA THR B 231 -18.59 -21.63 -6.33
C THR B 231 -17.30 -20.88 -5.97
N ALA B 232 -17.05 -19.68 -6.53
CA ALA B 232 -15.76 -18.97 -6.39
C ALA B 232 -15.76 -18.04 -5.16
N CYS B 233 -16.88 -17.40 -4.86
CA CYS B 233 -16.99 -16.44 -3.72
C CYS B 233 -17.13 -17.20 -2.40
N HIS B 234 -16.35 -16.84 -1.40
CA HIS B 234 -16.38 -17.47 -0.06
C HIS B 234 -17.79 -17.31 0.53
N PRO B 235 -18.40 -18.40 1.03
CA PRO B 235 -19.78 -18.36 1.48
C PRO B 235 -20.03 -17.56 2.77
N VAL B 236 -18.98 -17.21 3.51
CA VAL B 236 -19.09 -16.35 4.72
C VAL B 236 -18.68 -14.91 4.40
N THR B 237 -17.53 -14.71 3.77
CA THR B 237 -16.89 -13.38 3.60
C THR B 237 -17.34 -12.68 2.32
N GLY B 238 -17.82 -13.41 1.30
CA GLY B 238 -18.06 -12.87 -0.04
C GLY B 238 -16.77 -12.58 -0.82
N LEU B 239 -15.60 -12.93 -0.30
CA LEU B 239 -14.31 -12.69 -1.00
C LEU B 239 -14.01 -13.83 -1.99
N SER B 240 -13.42 -13.47 -3.13
CA SER B 240 -13.08 -14.41 -4.22
C SER B 240 -11.59 -14.28 -4.45
N PRO B 241 -10.93 -15.36 -4.96
CA PRO B 241 -9.53 -15.27 -5.34
C PRO B 241 -9.40 -14.57 -6.69
N GLU B 242 -8.19 -14.12 -6.99
CA GLU B 242 -7.87 -13.48 -8.30
C GLU B 242 -7.93 -14.55 -9.39
N TYR B 243 -7.28 -15.71 -9.21
CA TYR B 243 -7.33 -16.83 -10.17
C TYR B 243 -7.98 -18.05 -9.50
N ALA B 244 -8.87 -18.71 -10.22
CA ALA B 244 -9.63 -19.86 -9.69
C ALA B 244 -9.72 -20.98 -10.71
N ASN B 245 -9.73 -22.21 -10.22
CA ASN B 245 -9.96 -23.42 -11.05
C ASN B 245 -11.41 -23.38 -11.57
N TYR B 246 -11.74 -24.26 -12.51
CA TYR B 246 -13.12 -24.35 -13.06
C TYR B 246 -14.08 -24.78 -11.93
N ASP B 247 -13.60 -25.46 -10.88
CA ASP B 247 -14.44 -25.87 -9.72
C ASP B 247 -14.62 -24.70 -8.73
N GLY B 248 -14.05 -23.53 -8.99
CA GLY B 248 -14.23 -22.34 -8.14
C GLY B 248 -13.14 -22.18 -7.08
N THR B 249 -12.37 -23.22 -6.78
CA THR B 249 -11.31 -23.18 -5.74
C THR B 249 -10.15 -22.34 -6.27
N PRO B 250 -9.38 -21.66 -5.39
CA PRO B 250 -8.23 -20.88 -5.82
C PRO B 250 -7.25 -21.73 -6.64
N ALA B 251 -6.80 -21.20 -7.79
CA ALA B 251 -5.87 -21.88 -8.69
C ALA B 251 -4.52 -22.03 -7.98
N PRO B 252 -3.66 -22.97 -8.44
CA PRO B 252 -2.30 -23.09 -7.93
C PRO B 252 -1.51 -21.78 -8.09
N VAL B 253 -0.56 -21.54 -7.19
CA VAL B 253 0.45 -20.46 -7.31
C VAL B 253 1.06 -20.57 -8.71
N GLN B 254 1.18 -19.45 -9.41
CA GLN B 254 1.72 -19.38 -10.79
C GLN B 254 3.17 -18.89 -10.74
N LEU B 255 3.89 -19.01 -11.85
CA LEU B 255 5.30 -18.53 -11.98
C LEU B 255 5.34 -17.03 -11.65
N HIS B 256 4.35 -16.26 -12.12
CA HIS B 256 4.34 -14.78 -12.04
C HIS B 256 3.67 -14.29 -10.74
N GLY B 257 3.24 -15.16 -9.82
CA GLY B 257 2.80 -14.74 -8.47
C GLY B 257 1.71 -15.62 -7.89
N ASP B 258 1.27 -15.27 -6.68
CA ASP B 258 0.26 -15.99 -5.87
C ASP B 258 -1.08 -15.27 -6.01
N PHE B 259 -1.99 -15.82 -6.80
CA PHE B 259 -3.30 -15.20 -7.13
C PHE B 259 -4.43 -15.87 -6.35
N ARG B 260 -4.11 -16.49 -5.22
CA ARG B 260 -5.08 -17.30 -4.45
C ARG B 260 -5.91 -16.41 -3.53
N HIS B 261 -5.54 -15.14 -3.36
CA HIS B 261 -6.08 -14.25 -2.30
C HIS B 261 -6.98 -13.18 -2.90
N PHE B 262 -7.63 -12.42 -2.02
CA PHE B 262 -8.50 -11.29 -2.38
C PHE B 262 -7.59 -10.08 -2.56
N TYR B 263 -7.44 -9.68 -3.81
CA TYR B 263 -6.58 -8.56 -4.21
C TYR B 263 -7.15 -7.99 -5.51
N SER B 264 -6.40 -7.10 -6.15
CA SER B 264 -6.86 -6.17 -7.24
C SER B 264 -7.90 -6.79 -8.18
N ASP B 265 -7.61 -7.90 -8.88
CA ASP B 265 -8.55 -8.45 -9.90
C ASP B 265 -9.92 -8.70 -9.27
N ALA B 266 -9.92 -9.33 -8.10
CA ALA B 266 -11.11 -9.91 -7.44
C ALA B 266 -12.06 -8.81 -6.99
N TYR B 267 -11.59 -7.55 -6.87
CA TYR B 267 -12.47 -6.43 -6.45
C TYR B 267 -13.69 -6.33 -7.38
N ARG B 268 -13.51 -6.59 -8.68
CA ARG B 268 -14.59 -6.39 -9.68
C ARG B 268 -15.73 -7.39 -9.50
N VAL B 269 -15.49 -8.55 -8.87
CA VAL B 269 -16.53 -9.61 -8.76
C VAL B 269 -17.78 -9.00 -8.11
N ALA B 270 -17.65 -8.29 -6.99
CA ALA B 270 -18.81 -7.75 -6.24
C ALA B 270 -19.58 -6.77 -7.12
N ALA B 271 -18.86 -5.97 -7.92
CA ALA B 271 -19.44 -5.00 -8.87
C ALA B 271 -20.15 -5.75 -10.01
N ASN B 272 -19.53 -6.78 -10.59
CA ASN B 272 -20.10 -7.58 -11.70
C ASN B 272 -21.39 -8.24 -11.23
N VAL B 273 -21.36 -8.85 -10.04
CA VAL B 273 -22.50 -9.60 -9.45
C VAL B 273 -23.67 -8.62 -9.30
N ALA B 274 -23.38 -7.44 -8.76
CA ALA B 274 -24.40 -6.40 -8.46
C ALA B 274 -25.02 -5.86 -9.77
N LEU B 275 -24.23 -5.67 -10.82
CA LEU B 275 -24.73 -5.11 -12.10
C LEU B 275 -25.62 -6.15 -12.80
N ASP B 276 -25.24 -7.43 -12.78
CA ASP B 276 -26.08 -8.51 -13.33
C ASP B 276 -27.43 -8.54 -12.57
N TRP B 277 -27.41 -8.40 -11.26
CA TRP B 277 -28.64 -8.36 -10.44
C TRP B 277 -29.51 -7.17 -10.88
N GLU B 278 -28.91 -5.99 -11.01
CA GLU B 278 -29.65 -4.76 -11.42
C GLU B 278 -30.24 -4.96 -12.83
N TRP B 279 -29.46 -5.45 -13.79
CA TRP B 279 -29.90 -5.57 -15.20
C TRP B 279 -30.94 -6.70 -15.37
N PHE B 280 -30.71 -7.85 -14.77
CA PHE B 280 -31.45 -9.08 -15.13
C PHE B 280 -32.22 -9.65 -13.92
N ARG B 281 -31.74 -9.47 -12.69
CA ARG B 281 -32.50 -9.86 -11.47
C ARG B 281 -32.79 -11.36 -11.51
N LYS B 282 -31.82 -12.19 -11.88
CA LYS B 282 -32.07 -13.63 -12.13
C LYS B 282 -31.70 -14.49 -10.94
N ASP B 283 -30.62 -14.17 -10.21
CA ASP B 283 -30.02 -15.08 -9.22
C ASP B 283 -30.06 -14.43 -7.84
N PRO B 284 -31.02 -14.81 -6.96
CA PRO B 284 -31.16 -14.17 -5.65
C PRO B 284 -29.93 -14.34 -4.75
N TRP B 285 -29.07 -15.31 -5.04
CA TRP B 285 -27.78 -15.47 -4.34
C TRP B 285 -26.97 -14.17 -4.43
N GLN B 286 -27.11 -13.44 -5.53
CA GLN B 286 -26.35 -12.18 -5.77
C GLN B 286 -26.65 -11.17 -4.66
N VAL B 287 -27.86 -11.15 -4.13
CA VAL B 287 -28.23 -10.26 -2.99
C VAL B 287 -27.42 -10.68 -1.75
N GLN B 288 -27.35 -12.00 -1.47
CA GLN B 288 -26.64 -12.56 -0.29
C GLN B 288 -25.13 -12.33 -0.43
N GLN B 289 -24.57 -12.57 -1.61
CA GLN B 289 -23.13 -12.30 -1.90
C GLN B 289 -22.84 -10.83 -1.61
N SER B 290 -23.67 -9.92 -2.10
CA SER B 290 -23.49 -8.46 -1.91
C SER B 290 -23.58 -8.12 -0.41
N ASN B 291 -24.55 -8.67 0.30
CA ASN B 291 -24.66 -8.46 1.77
C ASN B 291 -23.38 -8.93 2.47
N ARG B 292 -22.86 -10.10 2.08
CA ARG B 292 -21.69 -10.74 2.77
C ARG B 292 -20.45 -9.85 2.60
N ILE B 293 -20.17 -9.35 1.39
CA ILE B 293 -18.90 -8.61 1.20
C ILE B 293 -19.02 -7.24 1.92
N GLN B 294 -20.19 -6.61 1.91
CA GLN B 294 -20.42 -5.35 2.66
C GLN B 294 -20.29 -5.61 4.17
N ALA B 295 -20.80 -6.74 4.67
CA ALA B 295 -20.66 -7.12 6.10
C ALA B 295 -19.17 -7.30 6.42
N PHE B 296 -18.39 -7.93 5.55
CA PHE B 296 -16.95 -8.14 5.80
C PHE B 296 -16.24 -6.79 6.03
N PHE B 297 -16.52 -5.82 5.16
CA PHE B 297 -15.81 -4.51 5.13
C PHE B 297 -16.56 -3.45 5.95
N SER B 298 -17.67 -3.85 6.55
CA SER B 298 -18.57 -3.03 7.41
C SER B 298 -17.78 -2.08 8.31
N ASP B 299 -16.89 -2.62 9.13
CA ASP B 299 -16.18 -1.83 10.19
C ASP B 299 -14.70 -1.72 9.83
N ILE B 300 -14.32 -1.89 8.56
CA ILE B 300 -12.91 -1.73 8.11
C ILE B 300 -12.81 -0.39 7.39
N ASP B 301 -12.00 0.56 7.88
CA ASP B 301 -11.78 1.86 7.20
C ASP B 301 -10.99 1.59 5.92
N VAL B 302 -11.21 2.38 4.87
CA VAL B 302 -10.46 2.32 3.57
C VAL B 302 -8.94 2.36 3.85
N SER B 303 -8.49 3.09 4.88
CA SER B 303 -7.04 3.26 5.19
C SER B 303 -6.43 1.96 5.71
N ASP B 304 -7.26 0.99 6.13
CA ASP B 304 -6.81 -0.30 6.71
C ASP B 304 -7.01 -1.45 5.72
N TYR B 305 -7.44 -1.19 4.49
CA TYR B 305 -7.69 -2.27 3.50
C TYR B 305 -6.37 -2.98 3.24
N ARG B 306 -6.40 -4.31 3.32
CA ARG B 306 -5.21 -5.18 3.14
C ARG B 306 -5.42 -6.12 1.97
N ARG B 307 -4.40 -6.93 1.65
CA ARG B 307 -4.62 -8.25 1.03
C ARG B 307 -5.26 -9.15 2.09
N TYR B 308 -6.25 -9.95 1.72
CA TYR B 308 -6.93 -10.92 2.61
C TYR B 308 -6.91 -12.28 1.94
N THR B 309 -6.80 -13.35 2.73
CA THR B 309 -7.19 -14.71 2.27
C THR B 309 -8.69 -14.66 2.05
N ILE B 310 -9.21 -15.52 1.19
CA ILE B 310 -10.67 -15.51 0.90
C ILE B 310 -11.44 -15.90 2.17
N GLU B 311 -10.78 -16.54 3.15
CA GLU B 311 -11.37 -16.86 4.47
C GLU B 311 -11.44 -15.61 5.33
N GLY B 312 -10.81 -14.50 4.91
CA GLY B 312 -10.90 -13.20 5.58
C GLY B 312 -9.71 -12.90 6.46
N GLU B 313 -8.63 -13.69 6.40
CA GLU B 313 -7.43 -13.44 7.24
C GLU B 313 -6.62 -12.32 6.62
N PRO B 314 -6.38 -11.22 7.36
CA PRO B 314 -5.63 -10.09 6.82
C PRO B 314 -4.13 -10.35 6.73
N PHE B 315 -3.49 -9.81 5.70
CA PHE B 315 -2.02 -9.70 5.55
C PHE B 315 -1.60 -8.35 6.11
N ASN B 316 -0.33 -8.21 6.48
CA ASN B 316 0.31 -6.91 6.78
C ASN B 316 0.21 -6.00 5.54
N GLU B 317 0.42 -6.60 4.37
CA GLU B 317 0.44 -5.93 3.04
C GLU B 317 -0.84 -5.11 2.86
N PRO B 318 -0.75 -3.82 2.48
CA PRO B 318 -1.95 -3.04 2.22
C PRO B 318 -2.53 -3.42 0.84
N ALA B 319 -3.81 -3.10 0.64
CA ALA B 319 -4.44 -3.11 -0.70
C ALA B 319 -3.65 -2.14 -1.58
N LEU B 320 -3.28 -2.51 -2.80
CA LEU B 320 -2.61 -1.58 -3.75
C LEU B 320 -3.61 -0.50 -4.21
N HIS B 321 -4.88 -0.88 -4.39
CA HIS B 321 -5.94 -0.02 -4.97
C HIS B 321 -7.10 0.06 -3.97
N PRO B 322 -6.93 0.72 -2.80
CA PRO B 322 -7.97 0.72 -1.78
C PRO B 322 -9.21 1.52 -2.19
N VAL B 323 -9.05 2.55 -3.02
CA VAL B 323 -10.19 3.37 -3.52
C VAL B 323 -11.00 2.51 -4.49
N GLY B 324 -10.32 1.74 -5.32
CA GLY B 324 -10.95 0.73 -6.21
C GLY B 324 -11.75 -0.27 -5.39
N LEU B 325 -11.19 -0.77 -4.29
CA LEU B 325 -11.89 -1.76 -3.43
C LEU B 325 -13.12 -1.08 -2.82
N LEU B 326 -12.99 0.13 -2.29
CA LEU B 326 -14.17 0.86 -1.75
C LEU B 326 -15.23 1.03 -2.85
N ALA B 327 -14.81 1.38 -4.06
CA ALA B 327 -15.73 1.60 -5.20
C ALA B 327 -16.55 0.32 -5.45
N THR B 328 -15.90 -0.85 -5.50
CA THR B 328 -16.59 -2.12 -5.82
C THR B 328 -17.48 -2.55 -4.65
N ASN B 329 -17.03 -2.32 -3.41
CA ASN B 329 -17.85 -2.57 -2.19
C ASN B 329 -19.12 -1.70 -2.24
N ALA B 330 -19.01 -0.45 -2.69
CA ALA B 330 -20.17 0.47 -2.76
C ALA B 330 -21.10 0.05 -3.92
N MET B 331 -20.54 -0.38 -5.06
CA MET B 331 -21.35 -0.82 -6.23
C MET B 331 -22.20 -2.05 -5.85
N ALA B 332 -21.76 -2.86 -4.88
CA ALA B 332 -22.52 -4.01 -4.35
C ALA B 332 -23.87 -3.54 -3.77
N SER B 333 -24.03 -2.24 -3.49
CA SER B 333 -25.33 -1.68 -3.00
C SER B 333 -26.40 -1.74 -4.09
N LEU B 334 -26.04 -1.98 -5.36
CA LEU B 334 -27.09 -2.26 -6.40
C LEU B 334 -27.89 -3.51 -6.00
N ALA B 335 -27.28 -4.45 -5.28
CA ALA B 335 -27.95 -5.73 -4.97
C ALA B 335 -28.13 -5.91 -3.46
N ALA B 336 -27.26 -5.37 -2.62
CA ALA B 336 -27.32 -5.61 -1.16
C ALA B 336 -28.63 -5.04 -0.61
N ASP B 337 -29.25 -5.74 0.34
CA ASP B 337 -30.43 -5.20 1.09
C ASP B 337 -30.14 -5.22 2.59
N GLY B 338 -28.87 -5.35 2.97
CA GLY B 338 -28.41 -5.43 4.37
C GLY B 338 -28.20 -4.06 5.00
N PRO B 339 -27.76 -4.02 6.27
CA PRO B 339 -27.62 -2.76 7.01
C PRO B 339 -26.44 -1.86 6.62
N ASP B 340 -25.61 -2.29 5.66
CA ASP B 340 -24.36 -1.56 5.28
C ASP B 340 -24.52 -0.83 3.93
N ALA B 341 -25.59 -1.10 3.18
CA ALA B 341 -25.75 -0.66 1.78
C ALA B 341 -25.73 0.87 1.70
N ASP B 342 -26.53 1.55 2.53
CA ASP B 342 -26.60 3.05 2.56
C ASP B 342 -25.24 3.62 2.98
N SER B 343 -24.63 3.06 4.02
CA SER B 343 -23.31 3.51 4.52
C SER B 343 -22.27 3.48 3.40
N PHE B 344 -22.19 2.41 2.61
CA PHE B 344 -21.18 2.31 1.51
C PHE B 344 -21.45 3.37 0.44
N VAL B 345 -22.72 3.65 0.12
CA VAL B 345 -23.08 4.65 -0.91
C VAL B 345 -22.53 6.03 -0.47
N LYS B 346 -22.68 6.36 0.81
CA LYS B 346 -22.23 7.66 1.38
C LYS B 346 -20.70 7.69 1.51
N ARG B 347 -20.08 6.60 1.96
CA ARG B 347 -18.59 6.48 2.03
C ARG B 347 -18.04 6.78 0.62
N PHE B 348 -18.68 6.22 -0.40
CA PHE B 348 -18.21 6.36 -1.81
C PHE B 348 -18.40 7.82 -2.27
N TRP B 349 -19.58 8.37 -2.07
CA TRP B 349 -19.87 9.79 -2.40
C TRP B 349 -18.80 10.70 -1.76
N ASN B 350 -18.43 10.41 -0.52
CA ASN B 350 -17.48 11.26 0.26
C ASN B 350 -16.02 10.97 -0.11
N THR B 351 -15.75 10.07 -1.07
CA THR B 351 -14.38 9.71 -1.50
C THR B 351 -14.08 10.42 -2.83
N PRO B 352 -12.97 11.18 -2.94
CA PRO B 352 -12.59 11.75 -4.22
C PRO B 352 -11.81 10.75 -5.08
N LEU B 353 -11.68 11.06 -6.37
CA LEU B 353 -10.81 10.32 -7.32
C LEU B 353 -9.41 10.21 -6.72
N ARG B 354 -8.74 9.08 -6.96
CA ARG B 354 -7.34 8.90 -6.52
C ARG B 354 -6.42 9.75 -7.40
N GLN B 355 -5.33 10.24 -6.81
CA GLN B 355 -4.27 10.99 -7.52
C GLN B 355 -2.96 10.22 -7.36
N GLY B 356 -1.98 10.56 -8.18
CA GLY B 356 -0.63 9.98 -8.11
C GLY B 356 -0.49 8.78 -9.03
N LYS B 357 0.64 8.10 -8.93
CA LYS B 357 1.11 7.18 -9.98
C LYS B 357 0.29 5.88 -10.00
N ARG B 358 -0.38 5.47 -8.93
CA ARG B 358 -1.11 4.17 -8.90
C ARG B 358 -2.61 4.39 -9.16
N ARG B 359 -3.04 5.54 -9.71
CA ARG B 359 -4.45 5.99 -9.71
C ARG B 359 -5.33 5.21 -10.70
N TYR B 360 -4.78 4.71 -11.79
CA TYR B 360 -5.55 4.21 -12.96
C TYR B 360 -6.58 3.17 -12.52
N TYR B 361 -6.18 2.11 -11.83
CA TYR B 361 -7.13 0.99 -11.56
C TYR B 361 -8.21 1.48 -10.59
N ASP B 362 -7.81 2.21 -9.56
CA ASP B 362 -8.75 2.81 -8.58
C ASP B 362 -9.79 3.66 -9.32
N ASN B 363 -9.35 4.49 -10.27
CA ASN B 363 -10.23 5.50 -10.91
C ASN B 363 -11.13 4.85 -11.97
N CYS B 364 -10.73 3.76 -12.61
CA CYS B 364 -11.61 3.00 -13.54
C CYS B 364 -12.76 2.39 -12.74
N LEU B 365 -12.44 1.69 -11.63
CA LEU B 365 -13.48 1.11 -10.75
C LEU B 365 -14.36 2.22 -10.17
N TYR B 366 -13.77 3.34 -9.77
CA TYR B 366 -14.52 4.48 -9.21
C TYR B 366 -15.57 4.96 -10.22
N PHE B 367 -15.16 5.17 -11.47
CA PHE B 367 -16.05 5.70 -12.53
C PHE B 367 -17.22 4.74 -12.75
N PHE B 368 -16.96 3.44 -12.88
CA PHE B 368 -18.04 2.46 -13.07
C PHE B 368 -19.04 2.55 -11.91
N THR B 369 -18.54 2.74 -10.69
CA THR B 369 -19.38 2.81 -9.48
C THR B 369 -20.20 4.11 -9.52
N MET B 370 -19.58 5.22 -9.93
CA MET B 370 -20.27 6.53 -10.05
C MET B 370 -21.38 6.40 -11.11
N LEU B 371 -21.12 5.71 -12.23
CA LEU B 371 -22.16 5.41 -13.25
C LEU B 371 -23.28 4.57 -12.64
N ALA B 372 -22.94 3.45 -12.00
CA ALA B 372 -23.92 2.44 -11.53
C ALA B 372 -24.80 3.01 -10.41
N LEU B 373 -24.21 3.66 -9.41
CA LEU B 373 -24.95 4.16 -8.22
C LEU B 373 -25.84 5.36 -8.60
N SER B 374 -25.55 6.05 -9.72
CA SER B 374 -26.38 7.16 -10.26
C SER B 374 -27.48 6.60 -11.18
N GLY B 375 -27.51 5.27 -11.43
CA GLY B 375 -28.52 4.69 -12.35
C GLY B 375 -28.20 4.99 -13.80
N ASN B 376 -26.93 5.20 -14.14
CA ASN B 376 -26.46 5.57 -15.49
C ASN B 376 -25.57 4.46 -16.08
N TYR B 377 -25.52 3.27 -15.50
CA TYR B 377 -24.81 2.14 -16.15
C TYR B 377 -25.89 1.26 -16.78
N ARG B 378 -26.19 1.51 -18.05
CA ARG B 378 -27.45 1.03 -18.69
C ARG B 378 -27.18 0.10 -19.87
N VAL B 379 -28.20 -0.68 -20.19
CA VAL B 379 -28.22 -1.49 -21.45
C VAL B 379 -28.73 -0.56 -22.55
N TYR B 380 -27.96 -0.41 -23.61
CA TYR B 380 -28.37 0.30 -24.84
C TYR B 380 -28.84 -0.77 -25.83
N GLN B 381 -30.16 -0.94 -25.87
CA GLN B 381 -30.83 -2.06 -26.59
C GLN B 381 -31.03 -1.70 -28.05
N GLN B 382 -31.22 -2.75 -28.85
CA GLN B 382 -31.80 -2.73 -30.22
C GLN B 382 -33.26 -2.33 -30.05
N ALA B 383 -33.58 -1.05 -30.22
CA ALA B 383 -34.94 -0.56 -29.88
C ALA B 383 -35.30 0.62 -30.79
N ALA B 384 -36.59 0.97 -30.81
CA ALA B 384 -37.16 2.06 -31.63
C ALA B 384 -36.58 3.40 -31.14
N ALA B 385 -36.31 4.31 -32.08
CA ALA B 385 -35.68 5.63 -31.84
C ALA B 385 -36.41 6.33 -30.68
O1 XYP C . 4.86 -1.73 10.05
C1 XYP C . 5.84 -1.42 10.98
C2 XYP C . 5.25 -1.73 12.34
C3 XYP C . 6.28 -1.52 13.38
C4 XYP C . 7.41 -2.49 13.09
C5 XYP C . 8.02 -2.11 11.75
O2 XYP C . 4.21 -0.77 12.61
O3 XYP C . 5.65 -1.84 14.64
O4 XYP C . 8.37 -2.30 14.11
O5 XYP C . 6.98 -2.27 10.73
C1 XYP C . 9.00 -3.52 14.55
C2 XYP C . 9.84 -3.23 15.75
C3 XYP C . 10.49 -4.48 16.27
C4 XYP C . 9.51 -5.63 16.36
C5 XYP C . 8.58 -5.66 15.14
O2 XYP C . 10.87 -2.28 15.35
O3 XYP C . 10.97 -4.13 17.59
O4 XYP C . 10.20 -6.87 16.23
O5 XYP C . 7.96 -4.39 15.00
C1 XYP C . 9.73 -7.97 17.06
C2 XYP C . 9.62 -9.18 16.25
C3 XYP C . 9.41 -10.37 17.17
C4 XYP C . 10.54 -10.45 18.17
C5 XYP C . 10.57 -9.21 18.98
O2 XYP C . 8.41 -8.93 15.40
O3 XYP C . 9.53 -11.52 16.40
O4 XYP C . 10.29 -11.53 19.07
O5 XYP C . 10.79 -8.09 18.06
O5 AHR C . 3.96 -8.02 13.91
C5 AHR C . 5.29 -7.73 13.34
C4 AHR C . 6.33 -8.59 13.95
O4 AHR C . 7.66 -8.69 13.36
C3 AHR C . 6.09 -10.02 13.56
O3 AHR C . 4.73 -10.25 13.87
C2 AHR C . 6.99 -10.53 14.59
O2 AHR C . 7.23 -11.87 14.27
C1 AHR C . 8.21 -9.67 14.30
O1 XYP D . -2.94 -3.17 -10.51
C1 XYP D . -3.93 -3.43 -11.43
C2 XYP D . -3.33 -3.11 -12.74
C3 XYP D . -4.31 -3.54 -13.78
C4 XYP D . -4.49 -5.02 -13.66
C5 XYP D . -5.05 -5.34 -12.33
O2 XYP D . -3.27 -1.71 -12.80
O3 XYP D . -3.75 -3.24 -15.06
O4 XYP D . -5.41 -5.41 -14.72
O5 XYP D . -4.12 -4.84 -11.33
C1 XYP D . -5.07 -6.67 -15.30
C2 XYP D . -5.94 -6.86 -16.49
C3 XYP D . -5.61 -8.15 -17.18
C4 XYP D . -4.10 -8.36 -17.38
C5 XYP D . -3.34 -7.91 -16.15
O2 XYP D . -7.29 -6.87 -16.00
O3 XYP D . -6.29 -8.14 -18.47
O4 XYP D . -3.83 -9.80 -17.44
O5 XYP D . -3.73 -6.61 -15.79
C1 XYP D . -2.82 -10.20 -18.36
C2 XYP D . -1.88 -11.11 -17.69
C3 XYP D . -0.96 -11.72 -18.75
C4 XYP D . -1.81 -12.40 -19.78
C5 XYP D . -2.64 -11.41 -20.43
O2 XYP D . -1.11 -10.17 -16.80
O3 XYP D . -0.20 -12.74 -18.17
O4 XYP D . -0.94 -12.95 -20.77
O5 XYP D . -3.52 -10.87 -19.39
O5 AHR D . 1.67 -6.70 -15.13
C5 AHR D . 0.58 -7.45 -14.48
C4 AHR D . 0.34 -8.71 -15.25
O4 AHR D . -0.54 -9.73 -14.73
C3 AHR D . 1.47 -9.60 -15.01
O3 AHR D . 2.63 -8.83 -15.34
C2 AHR D . 1.11 -10.47 -16.12
O2 AHR D . 1.87 -11.64 -16.02
C1 AHR D . -0.35 -10.72 -15.80
C1 GOL E . 18.19 7.77 15.72
O1 GOL E . 19.17 7.10 14.94
C2 GOL E . 16.84 7.66 15.07
O2 GOL E . 15.85 8.36 15.80
C3 GOL E . 16.83 8.11 13.63
O3 GOL E . 16.53 7.01 12.76
C1 GOL F . -18.88 -4.73 -15.41
O1 GOL F . -19.80 -5.60 -14.74
C2 GOL F . -18.88 -3.35 -14.78
O2 GOL F . -17.93 -2.49 -15.40
C3 GOL F . -18.66 -3.36 -13.28
O3 GOL F . -17.66 -4.30 -12.89
#